data_5OAH
#
_entry.id   5OAH
#
_cell.length_a   58.139
_cell.length_b   63.410
_cell.length_c   67.674
_cell.angle_alpha   82.710
_cell.angle_beta   76.360
_cell.angle_gamma   79.030
#
_symmetry.space_group_name_H-M   'P 1'
#
loop_
_entity.id
_entity.type
_entity.pdbx_description
1 polymer 'Enterochelin ABC transporter substrate-binding protein'
2 non-polymer 'FE (III) ION'
3 non-polymer Azotochelin
4 water water
#
_entity_poly.entity_id   1
_entity_poly.type   'polypeptide(L)'
_entity_poly.pdbx_seq_one_letter_code
;MLPISMSDEGDSFLVKDSLGENKIPKNPSKVVILDLGILDTFDALKLNDKVVGVPAKNLPKYLQQFKNKPSVGGVQQVDF
EAINALKPDLIIISGRQSKFYDKLKEIAPTLFVGLDNANFLSSFENNVLSVAKLYGLEKEALEKISDIKNEIEKAKSIVD
EDKKALIILTNSNKISAFGPQSRFGIIHDVLGINAVDENIKVGTHGKSINSEFILEKNPDYIFVVDRNVILGNKERAQGI
LDNALVAKTKAAQNKKIIYLDPEYWYLASGNGLESLKTMILEIKNAVK
;
_entity_poly.pdbx_strand_id   A,B,C
#
# COMPACT_ATOMS: atom_id res chain seq x y z
N MET A 1 32.90 4.22 26.54
CA MET A 1 32.44 2.79 26.48
C MET A 1 33.53 1.94 25.87
N LEU A 2 33.85 0.82 26.54
CA LEU A 2 34.89 -0.11 26.05
C LEU A 2 34.44 -0.74 24.71
N PRO A 3 35.29 -0.80 23.66
CA PRO A 3 34.83 -1.44 22.44
C PRO A 3 34.86 -2.94 22.55
N ILE A 4 34.28 -3.62 21.56
CA ILE A 4 34.43 -5.04 21.42
C ILE A 4 35.86 -5.31 20.87
N SER A 5 36.56 -6.21 21.55
CA SER A 5 37.91 -6.74 21.19
C SER A 5 37.80 -8.19 20.96
N MET A 6 38.53 -8.76 20.00
CA MET A 6 38.38 -10.20 19.63
C MET A 6 39.70 -10.82 19.25
N SER A 7 40.04 -11.93 19.89
CA SER A 7 41.26 -12.66 19.59
C SER A 7 40.98 -14.00 18.88
N ASP A 8 41.66 -14.27 17.78
CA ASP A 8 41.41 -15.50 17.01
C ASP A 8 41.97 -16.75 17.70
N GLU A 9 41.10 -17.61 18.24
CA GLU A 9 41.50 -18.89 18.90
C GLU A 9 41.12 -20.10 18.07
N GLY A 10 41.44 -20.08 16.78
CA GLY A 10 41.20 -21.26 15.93
C GLY A 10 39.74 -21.38 15.50
N ASP A 11 38.95 -22.16 16.22
CA ASP A 11 37.49 -22.37 15.88
C ASP A 11 36.51 -21.42 16.64
N SER A 12 37.07 -20.43 17.34
CA SER A 12 36.27 -19.62 18.21
C SER A 12 37.07 -18.34 18.33
N PHE A 13 36.45 -17.31 18.87
CA PHE A 13 37.14 -16.09 19.22
C PHE A 13 36.97 -15.90 20.73
N LEU A 14 37.97 -15.33 21.36
CA LEU A 14 37.86 -14.87 22.73
C LEU A 14 37.51 -13.39 22.61
N VAL A 15 36.32 -13.06 23.10
CA VAL A 15 35.73 -11.74 22.83
C VAL A 15 35.50 -11.01 24.12
N LYS A 16 35.92 -9.76 24.15
CA LYS A 16 35.70 -8.86 25.29
C LYS A 16 34.86 -7.62 24.91
N ASP A 17 33.87 -7.25 25.73
CA ASP A 17 33.09 -6.02 25.50
C ASP A 17 32.82 -5.33 26.83
N SER A 18 32.08 -4.21 26.78
CA SER A 18 31.66 -3.44 27.94
C SER A 18 31.07 -4.33 29.08
N LEU A 19 30.41 -5.46 28.80
CA LEU A 19 29.77 -6.27 29.88
C LEU A 19 30.56 -7.48 30.31
N GLY A 20 31.46 -7.98 29.51
CA GLY A 20 32.34 -9.04 30.01
C GLY A 20 33.00 -9.74 28.86
N GLU A 21 33.34 -11.00 29.12
CA GLU A 21 34.17 -11.81 28.28
C GLU A 21 33.41 -13.10 27.87
N ASN A 22 33.53 -13.52 26.63
CA ASN A 22 32.90 -14.74 26.12
C ASN A 22 33.84 -15.42 25.16
N LYS A 23 33.80 -16.76 25.13
CA LYS A 23 34.33 -17.52 24.02
C LYS A 23 33.20 -17.69 23.02
N ILE A 24 33.35 -17.12 21.83
CA ILE A 24 32.28 -17.17 20.80
C ILE A 24 32.74 -18.06 19.64
N PRO A 25 31.99 -19.12 19.28
CA PRO A 25 32.44 -19.90 18.13
C PRO A 25 32.39 -19.09 16.83
N LYS A 26 33.31 -19.42 15.93
CA LYS A 26 33.26 -18.91 14.57
C LYS A 26 32.00 -19.42 13.91
N ASN A 27 31.39 -18.54 13.11
CA ASN A 27 30.28 -18.93 12.32
C ASN A 27 29.13 -19.56 13.12
N PRO A 28 28.66 -18.88 14.16
CA PRO A 28 27.52 -19.43 14.86
C PRO A 28 26.23 -19.47 14.00
N SER A 29 25.51 -20.54 14.17
CA SER A 29 24.45 -20.99 13.29
C SER A 29 23.09 -20.89 13.98
N LYS A 30 23.07 -20.45 15.24
CA LYS A 30 21.82 -20.36 16.04
C LYS A 30 21.83 -19.08 16.88
N VAL A 31 21.61 -17.93 16.27
CA VAL A 31 21.86 -16.67 16.92
C VAL A 31 20.54 -16.04 17.32
N VAL A 32 20.44 -15.67 18.60
CA VAL A 32 19.27 -14.93 19.11
C VAL A 32 19.69 -13.50 19.10
N ILE A 33 18.94 -12.64 18.43
CA ILE A 33 19.26 -11.21 18.35
C ILE A 33 18.17 -10.31 18.94
N LEU A 34 18.58 -9.52 19.96
CA LEU A 34 17.69 -8.61 20.63
C LEU A 34 17.91 -7.13 20.29
N ASP A 35 18.93 -6.80 19.51
CA ASP A 35 19.16 -5.48 19.00
C ASP A 35 18.68 -5.44 17.58
N LEU A 36 17.70 -4.58 17.33
CA LEU A 36 17.12 -4.55 16.00
C LEU A 36 18.06 -4.07 14.92
N GLY A 37 18.96 -3.15 15.25
CA GLY A 37 19.90 -2.67 14.25
C GLY A 37 20.89 -3.73 13.85
N ILE A 38 21.37 -4.53 14.77
CA ILE A 38 22.25 -5.65 14.39
C ILE A 38 21.49 -6.73 13.59
N LEU A 39 20.17 -6.88 13.83
CA LEU A 39 19.33 -7.79 13.03
C LEU A 39 19.31 -7.35 11.58
N ASP A 40 19.26 -6.04 11.39
CA ASP A 40 19.27 -5.47 10.03
C ASP A 40 20.63 -5.70 9.37
N THR A 41 21.69 -5.52 10.15
CA THR A 41 23.03 -5.92 9.71
C THR A 41 23.22 -7.37 9.28
N PHE A 42 22.69 -8.31 10.02
CA PHE A 42 22.66 -9.73 9.60
C PHE A 42 22.03 -9.86 8.24
N ASP A 43 20.96 -9.11 7.97
CA ASP A 43 20.36 -9.16 6.66
C ASP A 43 21.30 -8.62 5.57
N ALA A 44 21.95 -7.53 5.85
CA ALA A 44 22.75 -6.86 4.88
C ALA A 44 23.97 -7.72 4.59
N LEU A 45 24.40 -8.54 5.55
CA LEU A 45 25.60 -9.42 5.37
C LEU A 45 25.27 -10.84 4.90
N LYS A 46 24.00 -11.03 4.54
CA LYS A 46 23.42 -12.27 4.00
C LYS A 46 23.47 -13.39 5.01
N LEU A 47 23.27 -13.08 6.27
CA LEU A 47 23.28 -14.07 7.38
C LEU A 47 21.92 -14.40 7.97
N ASN A 48 20.83 -14.16 7.22
CA ASN A 48 19.48 -14.38 7.70
C ASN A 48 19.27 -15.81 8.23
N ASP A 49 19.93 -16.80 7.60
CA ASP A 49 19.76 -18.22 8.03
C ASP A 49 20.50 -18.50 9.30
N LYS A 50 21.39 -17.63 9.73
CA LYS A 50 22.01 -17.83 11.06
C LYS A 50 21.10 -17.50 12.23
N VAL A 51 20.05 -16.76 11.97
CA VAL A 51 19.21 -16.19 13.04
C VAL A 51 18.14 -17.16 13.39
N VAL A 52 17.99 -17.43 14.68
CA VAL A 52 16.96 -18.36 15.18
C VAL A 52 16.02 -17.76 16.16
N GLY A 53 16.31 -16.56 16.65
CA GLY A 53 15.30 -15.85 17.54
C GLY A 53 15.34 -14.34 17.44
N VAL A 54 14.16 -13.72 17.42
CA VAL A 54 14.05 -12.31 17.29
C VAL A 54 12.90 -11.79 18.21
N PRO A 55 12.94 -10.50 18.61
CA PRO A 55 11.89 -9.93 19.43
C PRO A 55 10.69 -9.60 18.56
N ALA A 56 9.89 -10.60 18.26
CA ALA A 56 8.77 -10.38 17.38
C ALA A 56 7.76 -9.36 17.96
N LYS A 57 7.73 -9.14 19.29
CA LYS A 57 6.79 -8.14 19.85
C LYS A 57 7.10 -6.70 19.41
N ASN A 58 8.35 -6.45 19.07
CA ASN A 58 8.81 -5.08 18.63
C ASN A 58 9.42 -5.08 17.21
N LEU A 59 9.04 -6.03 16.37
CA LEU A 59 9.66 -6.18 15.07
C LEU A 59 9.12 -5.13 14.12
N PRO A 60 9.95 -4.17 13.73
CA PRO A 60 9.51 -3.14 12.80
C PRO A 60 9.09 -3.56 11.40
N LYS A 61 8.43 -2.62 10.73
CA LYS A 61 7.94 -2.85 9.37
C LYS A 61 9.01 -3.16 8.36
N TYR A 62 10.22 -2.64 8.57
CA TYR A 62 11.36 -2.89 7.64
C TYR A 62 12.17 -4.15 7.93
N LEU A 63 11.75 -4.90 8.93
CA LEU A 63 12.42 -6.12 9.33
C LEU A 63 11.46 -7.29 9.30
N GLN A 64 10.46 -7.19 8.46
CA GLN A 64 9.42 -8.27 8.39
C GLN A 64 9.90 -9.55 7.68
N GLN A 65 11.07 -9.54 7.05
CA GLN A 65 11.67 -10.79 6.63
C GLN A 65 12.05 -11.70 7.77
N PHE A 66 11.96 -11.25 9.00
CA PHE A 66 12.29 -12.09 10.19
C PHE A 66 11.00 -12.45 10.92
N LYS A 67 9.85 -12.14 10.32
CA LYS A 67 8.56 -12.39 10.94
C LYS A 67 8.29 -13.86 11.32
N ASN A 68 8.94 -14.82 10.67
CA ASN A 68 8.78 -16.24 10.94
C ASN A 68 9.93 -16.83 11.71
N LYS A 69 10.83 -16.00 12.22
CA LYS A 69 11.78 -16.55 13.11
C LYS A 69 11.00 -16.79 14.40
N PRO A 70 11.43 -17.77 15.18
CA PRO A 70 10.91 -17.94 16.52
C PRO A 70 11.06 -16.65 17.37
N SER A 71 9.99 -16.33 18.11
CA SER A 71 10.04 -15.20 19.02
C SER A 71 10.69 -15.43 20.33
N VAL A 72 11.46 -14.43 20.76
CA VAL A 72 12.03 -14.44 22.08
C VAL A 72 11.51 -13.24 22.88
N GLY A 73 10.35 -12.76 22.46
CA GLY A 73 9.53 -11.75 23.14
C GLY A 73 9.68 -10.35 22.58
N GLY A 74 9.97 -9.38 23.46
CA GLY A 74 10.13 -7.99 23.02
C GLY A 74 11.49 -7.52 23.50
N VAL A 75 11.90 -6.31 23.13
CA VAL A 75 13.24 -5.76 23.61
C VAL A 75 13.38 -5.53 25.14
N GLN A 76 12.23 -5.28 25.75
CA GLN A 76 12.08 -5.10 27.21
C GLN A 76 11.53 -6.40 27.89
N GLN A 77 10.68 -7.16 27.18
CA GLN A 77 10.02 -8.35 27.77
C GLN A 77 10.68 -9.56 27.17
N VAL A 78 11.92 -9.80 27.58
CA VAL A 78 12.74 -10.91 27.08
C VAL A 78 12.13 -12.24 27.56
N ASP A 79 11.83 -13.13 26.61
CA ASP A 79 11.22 -14.45 26.92
C ASP A 79 12.36 -15.46 27.14
N PHE A 80 12.76 -15.59 28.39
CA PHE A 80 13.88 -16.48 28.72
C PHE A 80 13.68 -17.93 28.39
N GLU A 81 12.44 -18.39 28.67
CA GLU A 81 12.06 -19.78 28.38
C GLU A 81 12.17 -20.10 26.87
N ALA A 82 11.62 -19.20 26.04
CA ALA A 82 11.79 -19.31 24.58
C ALA A 82 13.28 -19.36 24.18
N ILE A 83 14.13 -18.54 24.79
CA ILE A 83 15.54 -18.47 24.41
C ILE A 83 16.18 -19.77 24.79
N ASN A 84 15.91 -20.23 26.00
CA ASN A 84 16.53 -21.46 26.46
C ASN A 84 16.11 -22.67 25.56
N ALA A 85 14.87 -22.67 25.09
CA ALA A 85 14.30 -23.78 24.32
C ALA A 85 14.99 -23.86 22.96
N LEU A 86 15.53 -22.72 22.44
CA LEU A 86 16.17 -22.68 21.13
C LEU A 86 17.57 -23.16 21.18
N LYS A 87 18.14 -23.18 22.38
CA LYS A 87 19.54 -23.60 22.62
C LYS A 87 20.51 -22.88 21.65
N PRO A 88 20.55 -21.53 21.74
CA PRO A 88 21.40 -20.73 20.80
C PRO A 88 22.85 -20.91 21.06
N ASP A 89 23.70 -20.68 20.05
CA ASP A 89 25.14 -20.65 20.29
C ASP A 89 25.65 -19.22 20.49
N LEU A 90 24.85 -18.20 20.21
CA LEU A 90 25.23 -16.78 20.49
C LEU A 90 23.99 -15.98 20.78
N ILE A 91 24.03 -15.08 21.77
CA ILE A 91 22.95 -14.12 22.00
C ILE A 91 23.53 -12.72 21.84
N ILE A 92 22.85 -11.83 21.11
CA ILE A 92 23.32 -10.48 20.87
C ILE A 92 22.36 -9.46 21.40
N ILE A 93 22.83 -8.56 22.25
CA ILE A 93 21.99 -7.63 23.02
C ILE A 93 22.54 -6.23 22.95
N SER A 94 21.72 -5.26 23.23
CA SER A 94 22.21 -3.90 23.44
C SER A 94 21.60 -3.38 24.73
N GLY A 95 21.64 -2.05 24.91
CA GLY A 95 21.45 -1.44 26.23
C GLY A 95 20.19 -1.84 26.98
N ARG A 96 19.12 -2.11 26.22
CA ARG A 96 17.85 -2.52 26.84
C ARG A 96 17.90 -3.84 27.53
N GLN A 97 18.88 -4.70 27.23
CA GLN A 97 18.99 -5.98 27.90
C GLN A 97 20.23 -6.12 28.77
N SER A 98 21.03 -5.06 29.01
CA SER A 98 22.15 -5.20 30.04
C SER A 98 21.71 -5.74 31.38
N LYS A 99 20.48 -5.41 31.80
CA LYS A 99 19.95 -5.87 33.06
C LYS A 99 19.69 -7.38 33.12
N PHE A 100 19.66 -8.04 31.97
CA PHE A 100 19.42 -9.45 31.84
C PHE A 100 20.68 -10.21 31.55
N TYR A 101 21.84 -9.54 31.59
CA TYR A 101 23.05 -10.07 31.08
C TYR A 101 23.43 -11.39 31.75
N ASP A 102 23.48 -11.43 33.07
CA ASP A 102 23.89 -12.71 33.73
C ASP A 102 22.94 -13.89 33.39
N LYS A 103 21.65 -13.64 33.40
CA LYS A 103 20.69 -14.66 33.05
C LYS A 103 20.90 -15.16 31.61
N LEU A 104 21.18 -14.24 30.65
CA LEU A 104 21.36 -14.63 29.25
C LEU A 104 22.69 -15.37 29.05
N LYS A 105 23.76 -14.91 29.68
CA LYS A 105 25.09 -15.51 29.53
C LYS A 105 25.14 -16.93 30.07
N GLU A 106 24.25 -17.26 30.99
CA GLU A 106 24.21 -18.66 31.48
C GLU A 106 23.53 -19.56 30.40
N ILE A 107 22.66 -19.01 29.54
CA ILE A 107 22.14 -19.77 28.39
C ILE A 107 23.22 -19.96 27.31
N ALA A 108 23.94 -18.92 26.96
CA ALA A 108 24.87 -18.99 25.84
C ALA A 108 25.73 -17.73 25.83
N PRO A 109 26.85 -17.72 25.07
CA PRO A 109 27.66 -16.51 25.09
C PRO A 109 26.85 -15.31 24.60
N THR A 110 27.10 -14.14 25.18
CA THR A 110 26.22 -13.00 25.07
C THR A 110 27.06 -11.79 24.71
N LEU A 111 26.96 -11.41 23.45
CA LEU A 111 27.66 -10.26 22.89
C LEU A 111 26.87 -8.95 23.04
N PHE A 112 27.51 -7.93 23.60
CA PHE A 112 26.96 -6.60 23.73
C PHE A 112 27.39 -5.71 22.54
N VAL A 113 26.41 -5.13 21.85
CA VAL A 113 26.63 -4.18 20.73
C VAL A 113 25.96 -2.83 20.97
N GLY A 114 26.18 -2.27 22.16
CA GLY A 114 25.61 -0.96 22.54
C GLY A 114 26.27 0.10 21.69
N LEU A 115 25.48 1.12 21.30
CA LEU A 115 26.01 2.29 20.63
C LEU A 115 26.41 3.26 21.74
N ASP A 116 27.58 3.86 21.59
CA ASP A 116 28.10 4.87 22.53
C ASP A 116 27.60 6.21 22.05
N ASN A 117 26.72 6.84 22.81
CA ASN A 117 26.15 8.14 22.39
C ASN A 117 27.20 9.26 22.18
N ALA A 118 28.35 9.12 22.84
CA ALA A 118 29.44 10.12 22.73
C ALA A 118 30.29 9.84 21.50
N ASN A 119 30.17 8.66 20.89
CA ASN A 119 31.09 8.21 19.83
C ASN A 119 30.34 7.29 18.88
N PHE A 120 29.30 7.82 18.28
CA PHE A 120 28.37 7.01 17.48
C PHE A 120 29.03 6.18 16.40
N LEU A 121 29.74 6.89 15.53
CA LEU A 121 30.27 6.20 14.35
C LEU A 121 31.29 5.16 14.65
N SER A 122 32.08 5.43 15.67
CA SER A 122 33.16 4.51 16.14
C SER A 122 32.56 3.19 16.68
N SER A 123 31.46 3.33 17.46
CA SER A 123 30.87 2.20 18.09
C SER A 123 30.10 1.40 17.00
N PHE A 124 29.44 2.10 16.05
CA PHE A 124 28.72 1.49 14.93
C PHE A 124 29.63 0.60 14.11
N GLU A 125 30.77 1.14 13.78
CA GLU A 125 31.75 0.43 13.04
C GLU A 125 32.30 -0.78 13.78
N ASN A 126 32.59 -0.60 15.03
CA ASN A 126 33.09 -1.69 15.85
C ASN A 126 32.04 -2.80 15.98
N ASN A 127 30.75 -2.43 16.11
CA ASN A 127 29.70 -3.43 16.23
C ASN A 127 29.55 -4.29 14.96
N VAL A 128 29.50 -3.63 13.79
CA VAL A 128 29.26 -4.24 12.51
C VAL A 128 30.49 -5.09 12.16
N LEU A 129 31.66 -4.52 12.38
CA LEU A 129 32.90 -5.25 12.09
C LEU A 129 33.11 -6.47 12.95
N SER A 130 32.67 -6.36 14.19
CA SER A 130 32.87 -7.47 15.17
C SER A 130 31.96 -8.66 14.78
N VAL A 131 30.72 -8.37 14.37
CA VAL A 131 29.86 -9.39 13.82
C VAL A 131 30.44 -9.95 12.52
N ALA A 132 30.92 -9.09 11.64
CA ALA A 132 31.40 -9.51 10.33
C ALA A 132 32.62 -10.45 10.52
N LYS A 133 33.44 -10.14 11.51
CA LYS A 133 34.65 -10.97 11.86
C LYS A 133 34.27 -12.38 12.25
N LEU A 134 33.16 -12.54 12.98
CA LEU A 134 32.72 -13.90 13.35
C LEU A 134 32.50 -14.83 12.13
N TYR A 135 32.07 -14.26 11.00
CA TYR A 135 31.71 -14.96 9.80
C TYR A 135 32.74 -14.83 8.64
N GLY A 136 33.83 -14.13 8.85
CA GLY A 136 34.84 -13.88 7.79
C GLY A 136 34.41 -12.90 6.72
N LEU A 137 33.48 -12.03 7.06
CA LEU A 137 32.91 -11.07 6.08
C LEU A 137 33.41 -9.67 6.28
N GLU A 138 34.59 -9.52 6.79
CA GLU A 138 35.14 -8.17 7.03
C GLU A 138 35.13 -7.35 5.75
N LYS A 139 35.50 -7.99 4.63
CA LYS A 139 35.61 -7.22 3.36
C LYS A 139 34.25 -6.56 2.99
N GLU A 140 33.19 -7.35 3.05
CA GLU A 140 31.86 -6.89 2.65
C GLU A 140 31.40 -5.77 3.62
N ALA A 141 31.61 -5.97 4.91
CA ALA A 141 31.21 -5.04 5.94
C ALA A 141 31.98 -3.70 5.77
N LEU A 142 33.27 -3.77 5.52
CA LEU A 142 34.03 -2.55 5.21
C LEU A 142 33.46 -1.75 4.04
N GLU A 143 33.06 -2.42 2.97
CA GLU A 143 32.52 -1.74 1.75
C GLU A 143 31.14 -1.11 2.05
N LYS A 144 30.32 -1.81 2.81
CA LYS A 144 29.06 -1.23 3.34
C LYS A 144 29.22 -0.07 4.32
N ILE A 145 30.20 -0.15 5.20
CA ILE A 145 30.51 0.95 6.06
C ILE A 145 30.96 2.13 5.25
N SER A 146 31.85 1.87 4.30
CA SER A 146 32.28 2.95 3.36
C SER A 146 31.09 3.61 2.61
N ASP A 147 30.09 2.85 2.17
CA ASP A 147 28.85 3.46 1.57
C ASP A 147 28.14 4.41 2.56
N ILE A 148 28.03 4.01 3.81
CA ILE A 148 27.40 4.84 4.84
C ILE A 148 28.16 6.15 5.05
N LYS A 149 29.48 6.09 5.04
CA LYS A 149 30.31 7.34 5.11
C LYS A 149 30.05 8.25 3.94
N ASN A 150 29.84 7.67 2.76
CA ASN A 150 29.50 8.47 1.55
C ASN A 150 28.11 9.11 1.68
N GLU A 151 27.14 8.38 2.18
CA GLU A 151 25.82 8.98 2.50
C GLU A 151 25.93 10.07 3.53
N ILE A 152 26.71 9.91 4.55
CA ILE A 152 26.91 10.95 5.52
C ILE A 152 27.46 12.23 4.89
N GLU A 153 28.51 12.10 4.07
CA GLU A 153 29.12 13.21 3.37
C GLU A 153 28.12 13.90 2.43
N LYS A 154 27.25 13.16 1.74
CA LYS A 154 26.19 13.78 0.79
C LYS A 154 25.19 14.61 1.65
N ALA A 155 24.87 14.06 2.81
CA ALA A 155 23.92 14.67 3.74
C ALA A 155 24.47 15.94 4.33
N LYS A 156 25.69 15.85 4.83
CA LYS A 156 26.36 17.01 5.46
C LYS A 156 26.61 18.14 4.50
N SER A 157 26.71 17.81 3.23
CA SER A 157 26.97 18.73 2.14
C SER A 157 25.80 19.69 1.96
N ILE A 158 24.58 19.32 2.35
CA ILE A 158 23.40 20.20 2.10
C ILE A 158 22.88 20.92 3.34
N VAL A 159 23.57 20.75 4.45
CA VAL A 159 23.15 21.31 5.73
C VAL A 159 23.43 22.82 5.81
N ASP A 160 22.43 23.60 6.23
CA ASP A 160 22.57 25.06 6.29
C ASP A 160 23.22 25.43 7.61
N GLU A 161 24.51 25.81 7.58
CA GLU A 161 25.31 26.21 8.79
C GLU A 161 24.55 27.15 9.76
N ASP A 162 23.64 27.97 9.26
CA ASP A 162 23.02 29.01 10.11
C ASP A 162 21.67 28.62 10.66
N LYS A 163 21.15 27.46 10.33
CA LYS A 163 19.87 27.03 10.91
C LYS A 163 20.13 26.11 12.09
N LYS A 164 19.17 26.05 13.00
CA LYS A 164 19.33 25.33 14.25
C LYS A 164 18.15 24.41 14.47
N ALA A 165 18.44 23.27 15.07
CA ALA A 165 17.39 22.27 15.35
C ALA A 165 17.26 21.92 16.82
N LEU A 166 16.03 21.55 17.18
CA LEU A 166 15.70 20.98 18.49
C LEU A 166 15.12 19.58 18.28
N ILE A 167 15.66 18.58 18.96
CA ILE A 167 15.13 17.24 18.99
C ILE A 167 14.22 17.10 20.21
N ILE A 168 12.93 16.71 19.97
CA ILE A 168 12.00 16.29 21.03
C ILE A 168 11.44 14.86 20.96
N LEU A 169 11.20 14.29 22.14
CA LEU A 169 10.47 13.04 22.31
C LEU A 169 9.15 13.42 22.94
N THR A 170 8.06 12.84 22.43
CA THR A 170 6.77 13.03 23.04
C THR A 170 6.30 11.71 23.64
N ASN A 171 5.87 11.78 24.89
CA ASN A 171 5.38 10.65 25.63
C ASN A 171 4.10 11.11 26.38
N SER A 172 2.95 10.43 26.21
CA SER A 172 1.69 10.84 26.87
C SER A 172 1.41 12.24 26.31
N ASN A 173 1.35 13.27 27.14
CA ASN A 173 1.28 14.64 26.60
C ASN A 173 2.55 15.44 26.95
N LYS A 174 3.60 14.78 27.41
CA LYS A 174 4.81 15.37 27.97
C LYS A 174 5.84 15.42 26.87
N ILE A 175 6.62 16.51 26.89
CA ILE A 175 7.68 16.74 25.90
C ILE A 175 8.99 16.67 26.62
N SER A 176 9.92 15.95 26.04
CA SER A 176 11.26 16.04 26.50
C SER A 176 12.24 16.33 25.32
N ALA A 177 13.32 17.03 25.67
CA ALA A 177 14.32 17.55 24.72
C ALA A 177 15.64 16.82 24.83
N PHE A 178 16.27 16.63 23.66
CA PHE A 178 17.53 15.89 23.55
C PHE A 178 18.49 16.73 22.70
N GLY A 179 19.75 16.56 22.95
CA GLY A 179 20.80 17.33 22.37
C GLY A 179 21.93 16.49 21.83
N PRO A 180 23.12 17.08 21.66
CA PRO A 180 24.29 16.42 21.17
C PRO A 180 24.66 15.37 22.17
N GLN A 181 25.25 14.28 21.69
CA GLN A 181 25.74 13.14 22.51
C GLN A 181 24.58 12.39 23.19
N SER A 182 23.35 12.59 22.73
CA SER A 182 22.21 11.88 23.29
C SER A 182 21.90 10.61 22.44
N ARG A 183 20.86 9.88 22.80
CA ARG A 183 20.45 8.70 22.03
C ARG A 183 19.95 9.09 20.62
N PHE A 184 19.66 10.38 20.37
CA PHE A 184 19.35 10.84 19.03
C PHE A 184 20.40 11.77 18.43
N GLY A 185 21.57 11.70 19.00
CA GLY A 185 22.58 12.72 18.86
C GLY A 185 23.13 12.84 17.46
N ILE A 186 22.91 11.81 16.64
CA ILE A 186 23.55 11.77 15.37
C ILE A 186 23.07 12.90 14.47
N ILE A 187 21.85 13.42 14.69
CA ILE A 187 21.43 14.60 13.99
C ILE A 187 22.42 15.77 14.15
N HIS A 188 22.93 15.92 15.37
CA HIS A 188 23.88 17.03 15.69
C HIS A 188 25.30 16.58 15.47
N ASP A 189 25.61 15.35 15.85
CA ASP A 189 27.05 15.01 16.03
C ASP A 189 27.62 14.41 14.80
N VAL A 190 26.80 13.73 13.95
CA VAL A 190 27.31 13.10 12.75
C VAL A 190 26.94 13.85 11.52
N LEU A 191 25.71 14.35 11.50
CA LEU A 191 25.21 15.04 10.35
C LEU A 191 25.44 16.53 10.44
N GLY A 192 26.03 17.00 11.53
CA GLY A 192 26.46 18.40 11.64
C GLY A 192 25.36 19.46 11.70
N ILE A 193 24.10 19.09 11.88
CA ILE A 193 23.01 20.11 12.08
C ILE A 193 23.16 20.80 13.43
N ASN A 194 23.28 22.13 13.43
CA ASN A 194 23.52 22.81 14.71
C ASN A 194 22.26 22.69 15.60
N ALA A 195 22.49 22.83 16.88
CA ALA A 195 21.46 22.70 17.91
C ALA A 195 21.08 24.03 18.42
N VAL A 196 19.82 24.16 18.83
CA VAL A 196 19.40 25.38 19.53
C VAL A 196 20.07 25.52 20.90
N ASP A 197 20.48 24.39 21.49
CA ASP A 197 21.13 24.39 22.74
C ASP A 197 22.02 23.21 22.80
N GLU A 198 23.30 23.49 22.67
CA GLU A 198 24.36 22.47 22.63
C GLU A 198 24.55 21.90 24.00
N ASN A 199 24.03 22.56 25.04
CA ASN A 199 24.32 22.18 26.41
C ASN A 199 23.17 21.41 27.06
N ILE A 200 22.26 20.79 26.31
CA ILE A 200 21.17 20.00 26.91
C ILE A 200 21.75 18.76 27.60
N LYS A 201 21.31 18.57 28.87
CA LYS A 201 21.70 17.44 29.74
C LYS A 201 21.27 16.08 29.12
N VAL A 202 22.24 15.19 28.90
CA VAL A 202 21.93 13.82 28.45
C VAL A 202 21.39 12.92 29.63
N GLY A 203 20.32 12.15 29.35
CA GLY A 203 19.64 11.28 30.32
C GLY A 203 18.49 10.45 29.70
N THR A 204 18.82 9.23 29.32
CA THR A 204 17.97 8.24 28.60
C THR A 204 16.62 8.66 27.95
N HIS A 205 15.60 9.02 28.72
CA HIS A 205 14.26 9.33 28.14
C HIS A 205 14.04 10.97 28.25
N GLY A 206 15.09 11.74 28.68
CA GLY A 206 15.27 13.21 28.31
C GLY A 206 15.27 14.40 29.30
N LYS A 207 15.10 15.62 28.77
CA LYS A 207 14.96 16.83 29.62
C LYS A 207 13.56 17.40 29.42
N SER A 208 12.83 17.48 30.51
CA SER A 208 11.46 17.86 30.46
C SER A 208 11.35 19.36 30.11
N ILE A 209 10.53 19.70 29.13
CA ILE A 209 10.37 21.07 28.64
C ILE A 209 8.92 21.27 28.30
N ASN A 210 8.56 22.49 27.94
CA ASN A 210 7.20 22.81 27.57
C ASN A 210 7.26 23.63 26.31
N SER A 211 6.09 24.00 25.85
CA SER A 211 5.99 24.75 24.61
C SER A 211 6.60 26.16 24.65
N GLU A 212 6.66 26.73 25.84
CA GLU A 212 7.33 28.00 26.06
C GLU A 212 8.79 27.89 25.70
N PHE A 213 9.46 26.83 26.21
CA PHE A 213 10.88 26.54 25.94
C PHE A 213 11.15 26.47 24.43
N ILE A 214 10.27 25.80 23.69
CA ILE A 214 10.36 25.63 22.25
C ILE A 214 10.32 27.00 21.61
N LEU A 215 9.33 27.81 21.97
CA LEU A 215 9.23 29.14 21.43
C LEU A 215 10.45 29.98 21.74
N GLU A 216 10.98 29.87 22.94
CA GLU A 216 12.16 30.68 23.31
C GLU A 216 13.41 30.30 22.51
N LYS A 217 13.57 29.01 22.22
CA LYS A 217 14.66 28.54 21.39
C LYS A 217 14.49 28.94 19.94
N ASN A 218 13.22 29.13 19.55
CA ASN A 218 12.74 29.34 18.17
C ASN A 218 13.56 28.57 17.13
N PRO A 219 13.53 27.21 17.19
CA PRO A 219 14.28 26.39 16.22
C PRO A 219 13.83 26.56 14.79
N ASP A 220 14.78 26.41 13.84
CA ASP A 220 14.41 26.33 12.43
C ASP A 220 13.81 24.99 12.09
N TYR A 221 14.32 23.94 12.74
CA TYR A 221 13.77 22.59 12.63
C TYR A 221 13.45 21.98 14.01
N ILE A 222 12.31 21.31 14.09
CA ILE A 222 11.92 20.48 15.20
C ILE A 222 11.83 19.05 14.75
N PHE A 223 12.76 18.23 15.26
CA PHE A 223 12.74 16.80 15.04
C PHE A 223 12.04 16.12 16.19
N VAL A 224 10.98 15.37 15.87
CA VAL A 224 10.08 14.81 16.84
C VAL A 224 10.09 13.28 16.74
N VAL A 225 10.38 12.60 17.84
CA VAL A 225 10.28 11.15 17.95
C VAL A 225 9.05 10.85 18.85
N ASP A 226 7.98 10.32 18.28
CA ASP A 226 6.72 10.18 19.02
C ASP A 226 6.67 8.80 19.56
N ARG A 227 7.17 8.66 20.80
CA ARG A 227 7.19 7.40 21.62
C ARG A 227 5.80 6.85 21.95
N ASN A 228 4.74 7.64 21.75
CA ASN A 228 3.37 7.16 21.86
C ASN A 228 3.15 5.95 20.96
N VAL A 229 3.78 5.96 19.80
CA VAL A 229 3.58 4.95 18.77
C VAL A 229 4.14 3.62 19.30
N ILE A 230 5.39 3.60 19.75
CA ILE A 230 6.01 2.34 20.20
C ILE A 230 5.30 1.81 21.43
N LEU A 231 4.92 2.68 22.36
CA LEU A 231 4.12 2.27 23.55
C LEU A 231 2.63 1.99 23.22
N GLY A 232 2.07 2.60 22.17
CA GLY A 232 0.63 2.50 21.88
C GLY A 232 -0.25 3.28 22.88
N ASN A 233 -0.43 4.60 22.65
CA ASN A 233 -1.42 5.49 23.33
C ASN A 233 -2.17 6.30 22.26
N LYS A 234 -3.11 7.15 22.66
CA LYS A 234 -4.00 7.88 21.69
C LYS A 234 -3.42 9.20 21.13
N GLU A 235 -2.53 9.80 21.90
CA GLU A 235 -2.23 11.21 21.74
C GLU A 235 -1.05 11.33 20.78
N ARG A 236 -1.22 12.11 19.71
CA ARG A 236 -0.15 12.33 18.73
C ARG A 236 0.65 13.61 19.02
N ALA A 237 1.97 13.52 18.92
CA ALA A 237 2.79 14.73 18.73
C ALA A 237 2.11 15.84 17.88
N GLN A 238 1.51 15.53 16.72
CA GLN A 238 0.79 16.59 15.91
C GLN A 238 -0.28 17.38 16.70
N GLY A 239 -0.93 16.72 17.66
CA GLY A 239 -1.93 17.36 18.50
C GLY A 239 -1.30 18.17 19.63
N ILE A 240 -0.32 17.57 20.31
CA ILE A 240 0.32 18.30 21.40
C ILE A 240 1.06 19.56 20.90
N LEU A 241 1.59 19.57 19.67
CA LEU A 241 2.32 20.70 19.12
C LEU A 241 1.45 21.69 18.36
N ASP A 242 0.15 21.43 18.31
CA ASP A 242 -0.79 22.38 17.70
C ASP A 242 -1.18 23.42 18.76
N ASN A 243 -0.26 24.33 19.07
CA ASN A 243 -0.56 25.41 20.01
C ASN A 243 0.04 26.64 19.44
N ALA A 244 -0.43 27.78 19.89
CA ALA A 244 0.03 29.04 19.30
C ALA A 244 1.42 29.46 19.75
N LEU A 245 1.99 28.85 20.80
CA LEU A 245 3.43 29.06 21.10
C LEU A 245 4.30 28.45 20.01
N VAL A 246 4.16 27.14 19.84
CA VAL A 246 4.91 26.42 18.81
C VAL A 246 4.56 27.01 17.43
N ALA A 247 3.29 27.43 17.21
CA ALA A 247 2.87 27.97 15.93
C ALA A 247 3.70 29.15 15.46
N LYS A 248 4.30 29.88 16.39
CA LYS A 248 5.15 31.05 16.08
C LYS A 248 6.63 30.74 15.74
N THR A 249 7.10 29.53 16.04
CA THR A 249 8.45 29.19 15.72
C THR A 249 8.64 29.16 14.20
N LYS A 250 9.86 29.44 13.82
CA LYS A 250 10.28 29.31 12.45
C LYS A 250 9.99 27.90 11.87
N ALA A 251 10.17 26.85 12.69
CA ALA A 251 9.90 25.49 12.21
C ALA A 251 8.45 25.31 11.89
N ALA A 252 7.56 25.77 12.76
CA ALA A 252 6.15 25.63 12.43
C ALA A 252 5.78 26.44 11.22
N GLN A 253 6.32 27.65 11.12
CA GLN A 253 5.98 28.50 9.99
C GLN A 253 6.54 28.04 8.66
N ASN A 254 7.63 27.29 8.67
CA ASN A 254 8.18 26.74 7.42
C ASN A 254 7.84 25.26 7.15
N LYS A 255 6.92 24.71 7.96
CA LYS A 255 6.55 23.28 7.99
C LYS A 255 7.78 22.37 8.08
N LYS A 256 8.63 22.69 9.06
CA LYS A 256 9.83 21.93 9.35
C LYS A 256 9.78 21.37 10.76
N ILE A 257 8.58 21.04 11.18
CA ILE A 257 8.35 20.08 12.24
C ILE A 257 8.31 18.71 11.58
N ILE A 258 9.33 17.90 11.87
CA ILE A 258 9.58 16.64 11.21
C ILE A 258 9.30 15.53 12.17
N TYR A 259 8.42 14.64 11.74
CA TYR A 259 8.09 13.51 12.59
C TYR A 259 8.88 12.32 12.09
N LEU A 260 9.87 11.99 12.86
CA LEU A 260 10.80 10.96 12.48
C LEU A 260 10.20 9.62 12.82
N ASP A 261 10.56 8.60 12.06
CA ASP A 261 9.97 7.28 12.27
C ASP A 261 10.50 6.65 13.53
N PRO A 262 9.63 6.51 14.55
CA PRO A 262 10.10 5.98 15.82
C PRO A 262 10.62 4.55 15.77
N GLU A 263 10.15 3.79 14.79
CA GLU A 263 10.69 2.40 14.66
C GLU A 263 12.18 2.34 14.34
N TYR A 264 12.74 3.44 13.81
CA TYR A 264 14.17 3.61 13.61
C TYR A 264 14.85 4.31 14.82
N TRP A 265 14.32 5.48 15.17
CA TRP A 265 14.97 6.39 16.09
C TRP A 265 14.80 5.94 17.52
N TYR A 266 13.58 5.50 17.88
CA TYR A 266 13.34 5.11 19.27
C TYR A 266 13.79 3.68 19.54
N LEU A 267 13.33 2.75 18.70
CA LEU A 267 13.82 1.36 18.76
C LEU A 267 15.34 1.25 18.53
N ALA A 268 15.92 2.30 17.95
CA ALA A 268 17.39 2.55 17.89
C ALA A 268 18.04 1.47 17.07
N SER A 269 17.77 1.50 15.79
CA SER A 269 18.36 0.55 14.86
C SER A 269 19.62 1.09 14.13
N GLY A 270 20.39 1.92 14.86
CA GLY A 270 21.48 2.59 14.26
C GLY A 270 22.58 1.62 14.02
N ASN A 271 22.57 0.41 14.61
CA ASN A 271 23.48 -0.64 14.19
C ASN A 271 23.29 -1.29 12.81
N GLY A 272 22.22 -0.96 12.08
CA GLY A 272 21.92 -1.56 10.88
C GLY A 272 22.60 -0.86 9.75
N LEU A 273 23.25 -1.67 8.93
CA LEU A 273 23.83 -1.19 7.71
C LEU A 273 22.84 -0.57 6.73
N GLU A 274 21.58 -1.00 6.76
CA GLU A 274 20.61 -0.40 5.85
C GLU A 274 19.73 0.59 6.70
N SER A 275 19.42 0.26 7.92
CA SER A 275 18.50 1.11 8.67
C SER A 275 19.20 2.44 9.01
N LEU A 276 20.52 2.44 9.25
CA LEU A 276 21.23 3.71 9.50
C LEU A 276 21.23 4.60 8.24
N LYS A 277 21.48 3.99 7.10
CA LYS A 277 21.37 4.65 5.84
C LYS A 277 20.02 5.31 5.69
N THR A 278 18.94 4.57 5.94
CA THR A 278 17.59 5.12 5.90
C THR A 278 17.42 6.35 6.79
N MET A 279 17.98 6.30 7.98
CA MET A 279 17.90 7.38 8.98
C MET A 279 18.63 8.61 8.51
N ILE A 280 19.80 8.43 7.92
CA ILE A 280 20.57 9.54 7.33
C ILE A 280 19.76 10.18 6.22
N LEU A 281 19.15 9.37 5.34
CA LEU A 281 18.37 9.95 4.28
C LEU A 281 17.13 10.68 4.78
N GLU A 282 16.58 10.23 5.87
CA GLU A 282 15.39 10.80 6.40
C GLU A 282 15.71 12.26 6.91
N ILE A 283 16.85 12.44 7.51
CA ILE A 283 17.29 13.76 7.95
C ILE A 283 17.66 14.61 6.75
N LYS A 284 18.47 14.05 5.83
CA LYS A 284 18.86 14.77 4.63
C LYS A 284 17.62 15.38 3.88
N ASN A 285 16.63 14.54 3.65
CA ASN A 285 15.45 14.86 2.95
C ASN A 285 14.52 15.87 3.63
N ALA A 286 14.55 15.90 4.94
CA ALA A 286 13.83 16.89 5.72
C ALA A 286 14.49 18.24 5.69
N VAL A 287 15.83 18.31 5.60
CA VAL A 287 16.49 19.63 5.68
C VAL A 287 17.05 20.16 4.35
N LYS A 288 17.10 19.33 3.31
CA LYS A 288 17.68 19.80 2.01
C LYS A 288 16.81 20.91 1.42
N MET B 1 -12.51 -2.04 -4.88
CA MET B 1 -12.69 -1.09 -6.02
C MET B 1 -11.39 -0.73 -6.73
N LEU B 2 -11.40 -0.70 -8.05
CA LEU B 2 -10.20 -0.48 -8.86
C LEU B 2 -9.84 0.99 -8.82
N PRO B 3 -8.57 1.31 -8.52
CA PRO B 3 -8.14 2.70 -8.55
C PRO B 3 -7.80 3.18 -9.96
N ILE B 4 -7.45 4.46 -10.09
CA ILE B 4 -7.23 5.06 -11.38
C ILE B 4 -5.76 4.95 -11.69
N SER B 5 -5.44 4.49 -12.91
CA SER B 5 -4.04 4.39 -13.39
C SER B 5 -3.97 5.07 -14.75
N MET B 6 -2.81 5.58 -15.09
CA MET B 6 -2.68 6.40 -16.27
C MET B 6 -1.40 6.07 -16.99
N SER B 7 -1.48 5.79 -18.29
CA SER B 7 -0.28 5.77 -19.14
C SER B 7 -0.27 7.00 -20.04
N ASP B 8 0.86 7.70 -20.05
CA ASP B 8 1.10 8.85 -20.90
C ASP B 8 1.31 8.34 -22.34
N GLU B 9 0.67 8.99 -23.30
CA GLU B 9 0.95 8.75 -24.70
C GLU B 9 1.76 9.85 -25.36
N GLY B 10 1.88 10.99 -24.68
CA GLY B 10 2.29 12.24 -25.30
C GLY B 10 1.01 12.64 -25.98
N ASP B 11 0.42 13.75 -25.59
CA ASP B 11 -0.79 14.27 -26.25
C ASP B 11 -2.10 13.78 -25.58
N SER B 12 -2.13 12.53 -25.10
CA SER B 12 -3.25 12.04 -24.30
C SER B 12 -2.78 11.01 -23.25
N PHE B 13 -3.69 10.65 -22.33
CA PHE B 13 -3.45 9.56 -21.40
C PHE B 13 -4.43 8.44 -21.73
N LEU B 14 -3.95 7.21 -21.62
CA LEU B 14 -4.83 6.07 -21.51
C LEU B 14 -5.15 5.95 -20.00
N VAL B 15 -6.43 6.09 -19.67
CA VAL B 15 -6.90 6.10 -18.30
C VAL B 15 -7.75 4.85 -18.07
N LYS B 16 -7.43 4.14 -17.00
CA LYS B 16 -8.19 2.99 -16.51
C LYS B 16 -8.66 3.28 -15.07
N ASP B 17 -9.87 2.87 -14.81
CA ASP B 17 -10.50 3.04 -13.50
C ASP B 17 -11.51 1.93 -13.32
N SER B 18 -12.25 1.95 -12.22
CA SER B 18 -13.17 0.88 -11.89
C SER B 18 -14.13 0.49 -12.95
N LEU B 19 -14.51 1.40 -13.86
CA LEU B 19 -15.61 1.15 -14.79
C LEU B 19 -15.22 0.84 -16.24
N GLY B 20 -14.00 1.19 -16.61
CA GLY B 20 -13.61 1.07 -18.01
C GLY B 20 -12.29 1.78 -18.25
N GLU B 21 -11.99 1.94 -19.54
CA GLU B 21 -10.76 2.58 -20.01
C GLU B 21 -11.16 3.71 -20.96
N ASN B 22 -10.37 4.78 -21.00
CA ASN B 22 -10.65 5.95 -21.89
C ASN B 22 -9.37 6.54 -22.35
N LYS B 23 -9.41 7.06 -23.57
CA LYS B 23 -8.34 7.92 -24.02
C LYS B 23 -8.74 9.34 -23.62
N ILE B 24 -7.88 9.99 -22.82
CA ILE B 24 -8.19 11.39 -22.36
C ILE B 24 -7.11 12.39 -22.77
N PRO B 25 -7.51 13.43 -23.53
CA PRO B 25 -6.46 14.34 -24.00
C PRO B 25 -5.87 15.07 -22.81
N LYS B 26 -4.58 15.40 -22.87
CA LYS B 26 -3.94 16.20 -21.81
C LYS B 26 -4.64 17.55 -21.80
N ASN B 27 -4.77 18.14 -20.61
CA ASN B 27 -5.38 19.43 -20.49
C ASN B 27 -6.80 19.58 -21.17
N PRO B 28 -7.74 18.68 -20.82
CA PRO B 28 -9.12 18.81 -21.30
C PRO B 28 -9.68 20.19 -21.00
N SER B 29 -10.05 20.91 -22.04
CA SER B 29 -10.52 22.26 -21.83
C SER B 29 -12.06 22.31 -21.65
N LYS B 30 -12.79 21.22 -21.86
CA LYS B 30 -14.25 21.19 -21.69
C LYS B 30 -14.76 19.96 -20.90
N VAL B 31 -15.07 20.15 -19.60
CA VAL B 31 -15.30 19.03 -18.68
C VAL B 31 -16.66 19.25 -18.08
N VAL B 32 -17.56 18.28 -18.24
CA VAL B 32 -18.79 18.18 -17.51
C VAL B 32 -18.46 17.43 -16.24
N ILE B 33 -18.78 18.00 -15.08
CA ILE B 33 -18.40 17.36 -13.79
C ILE B 33 -19.66 17.09 -13.06
N LEU B 34 -19.93 15.81 -12.73
CA LEU B 34 -21.15 15.42 -12.05
C LEU B 34 -20.90 15.04 -10.56
N ASP B 35 -19.62 15.04 -10.16
CA ASP B 35 -19.16 14.76 -8.78
C ASP B 35 -18.75 16.12 -8.13
N LEU B 36 -19.52 16.52 -7.10
CA LEU B 36 -19.30 17.84 -6.50
C LEU B 36 -18.04 17.97 -5.79
N GLY B 37 -17.49 16.87 -5.25
CA GLY B 37 -16.16 17.00 -4.71
C GLY B 37 -15.12 17.26 -5.74
N ILE B 38 -15.22 16.61 -6.90
CA ILE B 38 -14.19 16.90 -7.88
C ILE B 38 -14.34 18.35 -8.38
N LEU B 39 -15.55 18.84 -8.39
CA LEU B 39 -15.73 20.26 -8.80
C LEU B 39 -14.98 21.19 -7.84
N ASP B 40 -14.98 20.87 -6.54
CA ASP B 40 -14.26 21.69 -5.62
C ASP B 40 -12.75 21.60 -5.82
N THR B 41 -12.28 20.40 -6.12
CA THR B 41 -10.89 20.23 -6.51
C THR B 41 -10.48 21.03 -7.80
N PHE B 42 -11.36 21.09 -8.79
CA PHE B 42 -11.09 21.94 -10.01
C PHE B 42 -10.78 23.36 -9.52
N ASP B 43 -11.65 23.86 -8.65
CA ASP B 43 -11.41 25.17 -8.10
C ASP B 43 -10.12 25.29 -7.30
N ALA B 44 -9.83 24.33 -6.44
CA ALA B 44 -8.60 24.38 -5.69
C ALA B 44 -7.38 24.34 -6.61
N LEU B 45 -7.51 23.70 -7.77
CA LEU B 45 -6.41 23.63 -8.77
C LEU B 45 -6.43 24.71 -9.87
N LYS B 46 -7.33 25.69 -9.72
CA LYS B 46 -7.37 26.89 -10.58
C LYS B 46 -7.82 26.51 -12.01
N LEU B 47 -8.71 25.53 -12.11
CA LEU B 47 -9.16 24.99 -13.40
C LEU B 47 -10.60 25.31 -13.65
N ASN B 48 -11.10 26.33 -13.01
CA ASN B 48 -12.53 26.73 -13.13
C ASN B 48 -12.94 26.92 -14.58
N ASP B 49 -12.04 27.50 -15.36
CA ASP B 49 -12.25 27.72 -16.81
C ASP B 49 -12.47 26.45 -17.64
N LYS B 50 -11.85 25.34 -17.19
CA LYS B 50 -12.05 24.05 -17.79
C LYS B 50 -13.44 23.45 -17.66
N VAL B 51 -14.22 23.89 -16.66
CA VAL B 51 -15.52 23.32 -16.37
C VAL B 51 -16.62 23.90 -17.28
N VAL B 52 -17.39 23.06 -17.97
CA VAL B 52 -18.36 23.56 -18.97
C VAL B 52 -19.77 23.29 -18.62
N GLY B 53 -19.98 22.32 -17.70
CA GLY B 53 -21.29 21.99 -17.24
C GLY B 53 -21.23 21.39 -15.88
N VAL B 54 -22.28 21.63 -15.09
CA VAL B 54 -22.34 21.19 -13.69
C VAL B 54 -23.77 20.90 -13.35
N PRO B 55 -24.01 20.08 -12.30
CA PRO B 55 -25.39 19.83 -11.90
C PRO B 55 -25.98 20.97 -11.03
N ALA B 56 -26.61 21.94 -11.70
CA ALA B 56 -27.05 23.16 -11.04
C ALA B 56 -28.17 22.95 -10.06
N LYS B 57 -28.95 21.89 -10.24
CA LYS B 57 -30.02 21.61 -9.29
C LYS B 57 -29.50 21.17 -7.91
N ASN B 58 -28.28 20.66 -7.83
CA ASN B 58 -27.76 20.29 -6.50
C ASN B 58 -26.46 21.05 -6.19
N LEU B 59 -26.31 22.28 -6.68
CA LEU B 59 -25.08 23.01 -6.58
C LEU B 59 -25.01 23.59 -5.19
N PRO B 60 -24.02 23.18 -4.39
CA PRO B 60 -24.19 23.66 -2.97
C PRO B 60 -23.72 25.09 -2.71
N LYS B 61 -24.00 25.55 -1.50
CA LYS B 61 -23.66 26.94 -1.09
C LYS B 61 -22.21 27.31 -1.19
N TYR B 62 -21.30 26.34 -1.02
CA TYR B 62 -19.88 26.60 -1.03
C TYR B 62 -19.27 26.47 -2.48
N LEU B 63 -20.13 26.27 -3.50
CA LEU B 63 -19.65 26.10 -4.85
C LEU B 63 -20.38 27.07 -5.78
N GLN B 64 -20.72 28.25 -5.25
CA GLN B 64 -21.53 29.19 -6.05
C GLN B 64 -20.69 29.93 -7.05
N GLN B 65 -19.37 29.77 -7.02
CA GLN B 65 -18.57 30.24 -8.12
C GLN B 65 -18.86 29.56 -9.45
N PHE B 66 -19.61 28.47 -9.44
CA PHE B 66 -20.06 27.74 -10.62
C PHE B 66 -21.52 27.91 -10.97
N LYS B 67 -22.15 28.92 -10.39
CA LYS B 67 -23.60 29.08 -10.56
C LYS B 67 -24.00 29.53 -11.95
N ASN B 68 -23.04 30.11 -12.67
CA ASN B 68 -23.27 30.57 -14.05
C ASN B 68 -22.87 29.55 -15.10
N LYS B 69 -22.28 28.43 -14.69
CA LYS B 69 -22.06 27.37 -15.62
C LYS B 69 -23.38 26.80 -16.09
N PRO B 70 -23.41 26.36 -17.36
CA PRO B 70 -24.49 25.56 -17.92
C PRO B 70 -24.89 24.37 -17.06
N SER B 71 -26.22 24.16 -16.85
CA SER B 71 -26.75 23.03 -16.05
C SER B 71 -26.77 21.75 -16.88
N VAL B 72 -26.34 20.65 -16.24
CA VAL B 72 -26.52 19.29 -16.76
C VAL B 72 -27.45 18.49 -15.86
N GLY B 73 -28.24 19.22 -15.07
CA GLY B 73 -29.39 18.69 -14.34
C GLY B 73 -29.08 18.60 -12.85
N GLY B 74 -29.30 17.42 -12.30
CA GLY B 74 -28.99 17.10 -10.90
C GLY B 74 -28.22 15.78 -10.82
N VAL B 75 -27.61 15.50 -9.66
CA VAL B 75 -26.83 14.25 -9.52
C VAL B 75 -27.64 12.97 -9.77
N GLN B 76 -28.95 13.01 -9.47
CA GLN B 76 -29.91 11.93 -9.63
C GLN B 76 -30.94 12.24 -10.73
N GLN B 77 -30.59 13.18 -11.59
CA GLN B 77 -31.53 13.76 -12.56
C GLN B 77 -30.71 14.37 -13.68
N VAL B 78 -29.95 13.51 -14.34
CA VAL B 78 -28.91 13.87 -15.28
C VAL B 78 -29.55 14.18 -16.65
N ASP B 79 -29.25 15.36 -17.21
CA ASP B 79 -29.83 15.80 -18.50
C ASP B 79 -28.84 15.52 -19.65
N PHE B 80 -29.10 14.37 -20.29
CA PHE B 80 -28.22 13.82 -21.31
C PHE B 80 -28.08 14.69 -22.55
N GLU B 81 -29.18 15.32 -22.98
CA GLU B 81 -29.11 16.21 -24.18
C GLU B 81 -28.26 17.43 -23.85
N ALA B 82 -28.41 17.94 -22.61
CA ALA B 82 -27.72 19.14 -22.23
C ALA B 82 -26.22 18.81 -22.26
N ILE B 83 -25.85 17.64 -21.75
CA ILE B 83 -24.43 17.24 -21.74
C ILE B 83 -23.81 17.18 -23.12
N ASN B 84 -24.51 16.46 -23.97
CA ASN B 84 -24.09 16.24 -25.32
C ASN B 84 -24.02 17.58 -26.09
N ALA B 85 -24.97 18.49 -25.83
CA ALA B 85 -24.98 19.85 -26.48
C ALA B 85 -23.76 20.69 -26.06
N LEU B 86 -23.21 20.40 -24.89
CA LEU B 86 -22.00 21.06 -24.47
C LEU B 86 -20.79 20.57 -25.18
N LYS B 87 -20.88 19.42 -25.87
CA LYS B 87 -19.73 18.88 -26.63
C LYS B 87 -18.49 18.72 -25.75
N PRO B 88 -18.65 18.09 -24.56
CA PRO B 88 -17.50 18.00 -23.66
C PRO B 88 -16.40 17.18 -24.23
N ASP B 89 -15.15 17.47 -23.89
CA ASP B 89 -14.07 16.46 -24.09
C ASP B 89 -13.88 15.44 -22.96
N LEU B 90 -14.50 15.68 -21.81
CA LEU B 90 -14.44 14.78 -20.62
C LEU B 90 -15.67 14.95 -19.74
N ILE B 91 -16.23 13.82 -19.27
CA ILE B 91 -17.30 13.75 -18.29
C ILE B 91 -16.77 13.00 -17.04
N ILE B 92 -16.89 13.61 -15.85
CA ILE B 92 -16.40 13.03 -14.56
C ILE B 92 -17.60 12.65 -13.71
N ILE B 93 -17.68 11.37 -13.35
CA ILE B 93 -18.81 10.86 -12.58
C ILE B 93 -18.32 10.18 -11.28
N SER B 94 -19.25 9.95 -10.37
CA SER B 94 -19.00 9.05 -9.25
C SER B 94 -20.16 8.10 -9.18
N GLY B 95 -20.35 7.45 -8.03
CA GLY B 95 -21.31 6.33 -7.92
C GLY B 95 -22.73 6.57 -8.31
N ARG B 96 -23.26 7.78 -8.06
CA ARG B 96 -24.65 8.06 -8.48
C ARG B 96 -24.96 7.91 -10.01
N GLN B 97 -23.96 8.06 -10.83
CA GLN B 97 -24.11 7.96 -12.31
C GLN B 97 -23.52 6.72 -12.94
N SER B 98 -22.94 5.81 -12.13
CA SER B 98 -22.39 4.52 -12.66
C SER B 98 -23.36 3.72 -13.56
N LYS B 99 -24.65 3.71 -13.21
CA LYS B 99 -25.71 3.05 -14.01
C LYS B 99 -25.90 3.65 -15.43
N PHE B 100 -25.39 4.87 -15.66
CA PHE B 100 -25.42 5.52 -16.96
C PHE B 100 -24.06 5.54 -17.62
N TYR B 101 -23.07 4.83 -17.11
CA TYR B 101 -21.70 4.89 -17.64
C TYR B 101 -21.59 4.70 -19.17
N ASP B 102 -22.27 3.64 -19.67
CA ASP B 102 -22.30 3.37 -21.13
C ASP B 102 -22.90 4.52 -21.97
N LYS B 103 -24.13 4.96 -21.66
CA LYS B 103 -24.74 6.13 -22.29
C LYS B 103 -23.84 7.38 -22.25
N LEU B 104 -23.21 7.64 -21.11
CA LEU B 104 -22.34 8.79 -21.03
C LEU B 104 -21.09 8.60 -21.87
N LYS B 105 -20.51 7.42 -21.84
CA LYS B 105 -19.28 7.18 -22.61
C LYS B 105 -19.51 7.28 -24.18
N GLU B 106 -20.78 7.20 -24.63
CA GLU B 106 -21.12 7.45 -26.05
C GLU B 106 -21.04 8.97 -26.35
N ILE B 107 -21.29 9.79 -25.34
CA ILE B 107 -21.15 11.23 -25.49
C ILE B 107 -19.71 11.61 -25.47
N ALA B 108 -18.93 11.11 -24.53
CA ALA B 108 -17.51 11.51 -24.43
C ALA B 108 -16.85 10.61 -23.44
N PRO B 109 -15.51 10.58 -23.42
CA PRO B 109 -14.83 9.80 -22.41
C PRO B 109 -15.23 10.23 -20.99
N THR B 110 -15.41 9.21 -20.16
CA THR B 110 -16.09 9.33 -18.89
C THR B 110 -15.17 8.74 -17.81
N LEU B 111 -14.55 9.62 -17.01
CA LEU B 111 -13.77 9.23 -15.85
C LEU B 111 -14.61 9.02 -14.60
N PHE B 112 -14.41 7.86 -13.97
CA PHE B 112 -15.05 7.53 -12.66
C PHE B 112 -14.16 7.88 -11.48
N VAL B 113 -14.66 8.66 -10.50
CA VAL B 113 -13.83 9.14 -9.33
C VAL B 113 -14.52 8.85 -7.98
N GLY B 114 -15.26 7.77 -8.01
CA GLY B 114 -15.95 7.27 -6.82
C GLY B 114 -14.94 7.03 -5.73
N LEU B 115 -15.40 7.26 -4.50
CA LEU B 115 -14.55 7.09 -3.35
C LEU B 115 -14.65 5.67 -2.97
N ASP B 116 -13.59 5.10 -2.42
CA ASP B 116 -13.63 3.73 -1.92
C ASP B 116 -13.95 3.77 -0.40
N ASN B 117 -15.12 3.30 -0.06
CA ASN B 117 -15.63 3.22 1.37
C ASN B 117 -14.68 2.45 2.30
N ALA B 118 -13.98 1.48 1.71
CA ALA B 118 -12.96 0.68 2.36
C ALA B 118 -11.57 1.29 2.40
N ASN B 119 -11.27 2.28 1.54
CA ASN B 119 -9.95 2.89 1.45
C ASN B 119 -10.07 4.38 1.11
N PHE B 120 -10.60 5.12 2.08
CA PHE B 120 -11.07 6.43 1.75
C PHE B 120 -9.90 7.30 1.40
N LEU B 121 -8.92 7.36 2.28
CA LEU B 121 -7.75 8.21 2.05
C LEU B 121 -7.06 7.94 0.72
N SER B 122 -6.95 6.67 0.40
CA SER B 122 -6.24 6.20 -0.77
C SER B 122 -6.93 6.62 -1.99
N SER B 123 -8.23 6.32 -2.06
CA SER B 123 -9.04 6.66 -3.20
C SER B 123 -9.16 8.16 -3.36
N PHE B 124 -9.27 8.89 -2.25
CA PHE B 124 -9.22 10.36 -2.25
C PHE B 124 -7.96 10.93 -2.92
N GLU B 125 -6.81 10.54 -2.40
CA GLU B 125 -5.50 10.98 -2.90
C GLU B 125 -5.31 10.67 -4.35
N ASN B 126 -5.74 9.48 -4.68
CA ASN B 126 -5.68 8.99 -6.00
C ASN B 126 -6.63 9.69 -6.96
N ASN B 127 -7.85 9.96 -6.52
CA ASN B 127 -8.81 10.68 -7.39
C ASN B 127 -8.24 12.04 -7.73
N VAL B 128 -7.71 12.72 -6.71
CA VAL B 128 -7.24 14.10 -6.79
C VAL B 128 -5.96 14.14 -7.66
N LEU B 129 -5.04 13.20 -7.43
CA LEU B 129 -3.78 13.15 -8.18
C LEU B 129 -3.92 12.82 -9.66
N SER B 130 -4.88 11.96 -9.99
CA SER B 130 -5.18 11.59 -11.36
C SER B 130 -5.81 12.73 -12.15
N VAL B 131 -6.69 13.47 -11.50
CA VAL B 131 -7.24 14.65 -12.12
C VAL B 131 -6.10 15.66 -12.30
N ALA B 132 -5.24 15.80 -11.29
CA ALA B 132 -4.20 16.78 -11.34
C ALA B 132 -3.24 16.47 -12.50
N LYS B 133 -2.97 15.16 -12.63
CA LYS B 133 -2.09 14.64 -13.69
C LYS B 133 -2.59 14.98 -15.07
N LEU B 134 -3.89 14.94 -15.31
CA LEU B 134 -4.38 15.35 -16.60
C LEU B 134 -3.88 16.75 -17.02
N TYR B 135 -3.68 17.65 -16.05
CA TYR B 135 -3.26 19.05 -16.29
C TYR B 135 -1.83 19.31 -15.90
N GLY B 136 -1.14 18.26 -15.49
CA GLY B 136 0.24 18.41 -14.99
C GLY B 136 0.36 19.31 -13.79
N LEU B 137 -0.58 19.15 -12.88
CA LEU B 137 -0.61 19.92 -11.63
C LEU B 137 -0.39 19.03 -10.40
N GLU B 138 0.37 17.96 -10.55
CA GLU B 138 0.60 16.99 -9.46
C GLU B 138 1.30 17.60 -8.26
N LYS B 139 2.25 18.52 -8.47
CA LYS B 139 2.95 19.21 -7.37
C LYS B 139 2.02 20.04 -6.46
N GLU B 140 1.17 20.84 -7.09
CA GLU B 140 0.18 21.64 -6.37
C GLU B 140 -0.70 20.72 -5.56
N ALA B 141 -1.22 19.69 -6.19
CA ALA B 141 -2.11 18.76 -5.52
C ALA B 141 -1.46 18.08 -4.31
N LEU B 142 -0.22 17.63 -4.46
CA LEU B 142 0.54 16.97 -3.37
C LEU B 142 0.67 17.81 -2.11
N GLU B 143 0.86 19.12 -2.26
CA GLU B 143 0.97 20.05 -1.13
C GLU B 143 -0.35 20.22 -0.38
N LYS B 144 -1.45 20.40 -1.11
CA LYS B 144 -2.79 20.43 -0.50
C LYS B 144 -3.23 19.11 0.16
N ILE B 145 -2.94 17.98 -0.46
CA ILE B 145 -3.18 16.65 0.17
C ILE B 145 -2.41 16.52 1.51
N SER B 146 -1.16 16.91 1.50
CA SER B 146 -0.25 16.76 2.69
C SER B 146 -0.81 17.57 3.86
N ASP B 147 -1.38 18.72 3.49
CA ASP B 147 -2.04 19.60 4.41
C ASP B 147 -3.30 18.97 5.05
N ILE B 148 -4.11 18.32 4.22
CA ILE B 148 -5.28 17.55 4.70
C ILE B 148 -4.84 16.47 5.67
N LYS B 149 -3.77 15.76 5.34
CA LYS B 149 -3.25 14.69 6.24
C LYS B 149 -2.82 15.22 7.61
N ASN B 150 -2.27 16.42 7.61
CA ASN B 150 -1.84 17.04 8.83
C ASN B 150 -3.09 17.45 9.64
N GLU B 151 -4.12 17.98 8.97
CA GLU B 151 -5.41 18.23 9.63
C GLU B 151 -6.07 16.99 10.20
N ILE B 152 -5.94 15.87 9.49
CA ILE B 152 -6.43 14.62 10.00
C ILE B 152 -5.70 14.22 11.28
N GLU B 153 -4.38 14.31 11.31
CA GLU B 153 -3.65 13.94 12.55
C GLU B 153 -3.97 14.83 13.74
N LYS B 154 -4.13 16.12 13.50
CA LYS B 154 -4.59 17.00 14.59
C LYS B 154 -5.98 16.65 15.09
N ALA B 155 -6.87 16.25 14.18
CA ALA B 155 -8.27 15.97 14.54
C ALA B 155 -8.36 14.63 15.30
N LYS B 156 -7.63 13.64 14.81
CA LYS B 156 -7.49 12.34 15.51
C LYS B 156 -7.02 12.50 16.94
N SER B 157 -6.14 13.46 17.18
CA SER B 157 -5.52 13.62 18.49
C SER B 157 -6.47 14.05 19.56
N ILE B 158 -7.52 14.83 19.21
CA ILE B 158 -8.51 15.31 20.20
C ILE B 158 -9.72 14.39 20.41
N VAL B 159 -9.73 13.25 19.77
CA VAL B 159 -10.85 12.32 19.85
C VAL B 159 -10.78 11.56 21.15
N ASP B 160 -11.94 11.35 21.74
CA ASP B 160 -11.96 10.70 23.05
C ASP B 160 -12.12 9.19 22.94
N GLU B 161 -11.03 8.50 23.21
CA GLU B 161 -10.91 7.01 23.29
C GLU B 161 -12.11 6.18 23.71
N ASP B 162 -12.91 6.66 24.64
CA ASP B 162 -13.97 5.82 25.25
C ASP B 162 -15.23 5.96 24.46
N LYS B 163 -15.56 7.21 24.19
CA LYS B 163 -16.87 7.58 23.66
C LYS B 163 -17.13 6.95 22.26
N LYS B 164 -18.40 6.68 22.03
CA LYS B 164 -18.83 5.94 20.86
C LYS B 164 -19.94 6.74 20.11
N ALA B 165 -19.94 6.67 18.78
CA ALA B 165 -20.85 7.42 17.96
C ALA B 165 -21.72 6.48 17.17
N LEU B 166 -22.92 6.94 16.79
CA LEU B 166 -23.69 6.33 15.77
C LEU B 166 -23.86 7.37 14.64
N ILE B 167 -23.84 6.90 13.39
CA ILE B 167 -24.22 7.72 12.18
C ILE B 167 -25.54 7.35 11.64
N ILE B 168 -26.45 8.33 11.49
CA ILE B 168 -27.71 8.12 10.93
C ILE B 168 -28.02 9.08 9.79
N LEU B 169 -28.88 8.57 8.89
CA LEU B 169 -29.51 9.30 7.78
C LEU B 169 -31.01 9.34 7.95
N THR B 170 -31.58 10.52 7.75
CA THR B 170 -32.98 10.68 7.84
C THR B 170 -33.60 11.21 6.50
N ASN B 171 -34.79 10.73 6.22
CA ASN B 171 -35.47 10.86 4.94
C ASN B 171 -36.95 10.64 5.31
N SER B 172 -37.71 11.70 5.16
CA SER B 172 -39.15 11.67 5.38
C SER B 172 -39.41 11.15 6.81
N ASN B 173 -40.04 10.00 7.00
CA ASN B 173 -40.29 9.49 8.35
C ASN B 173 -39.20 8.48 8.81
N LYS B 174 -38.25 8.15 7.97
CA LYS B 174 -37.36 7.00 8.24
C LYS B 174 -35.95 7.35 8.64
N ILE B 175 -35.36 6.48 9.49
CA ILE B 175 -34.01 6.60 9.98
C ILE B 175 -33.23 5.37 9.52
N SER B 176 -32.06 5.59 8.96
CA SER B 176 -31.14 4.49 8.71
C SER B 176 -29.79 4.71 9.32
N ALA B 177 -29.02 3.65 9.50
CA ALA B 177 -27.78 3.67 10.24
C ALA B 177 -26.58 3.26 9.39
N PHE B 178 -25.47 3.89 9.65
CA PHE B 178 -24.23 3.68 8.89
C PHE B 178 -23.12 3.51 9.89
N GLY B 179 -22.14 2.73 9.49
CA GLY B 179 -21.05 2.43 10.38
C GLY B 179 -19.76 2.54 9.65
N PRO B 180 -18.73 1.95 10.23
CA PRO B 180 -17.39 1.91 9.60
C PRO B 180 -17.46 1.34 8.21
N GLN B 181 -16.59 1.79 7.31
CA GLN B 181 -16.51 1.28 5.95
C GLN B 181 -17.74 1.64 5.09
N SER B 182 -18.53 2.60 5.53
CA SER B 182 -19.74 3.04 4.78
C SER B 182 -19.45 4.34 4.07
N ARG B 183 -20.47 4.90 3.45
CA ARG B 183 -20.31 6.17 2.80
C ARG B 183 -19.96 7.34 3.74
N PHE B 184 -20.23 7.18 5.04
CA PHE B 184 -19.89 8.19 5.99
C PHE B 184 -18.77 7.73 6.93
N GLY B 185 -17.99 6.75 6.46
CA GLY B 185 -17.01 6.06 7.26
C GLY B 185 -15.82 6.79 7.76
N ILE B 186 -15.49 7.85 7.06
CA ILE B 186 -14.63 8.92 7.51
C ILE B 186 -14.54 9.09 9.02
N ILE B 187 -15.72 9.21 9.60
CA ILE B 187 -15.88 9.51 11.00
C ILE B 187 -15.15 8.48 11.86
N HIS B 188 -15.31 7.21 11.50
CA HIS B 188 -14.77 6.13 12.28
C HIS B 188 -13.39 5.74 11.70
N ASP B 189 -13.29 5.64 10.37
CA ASP B 189 -12.10 5.01 9.73
C ASP B 189 -10.91 5.92 9.66
N VAL B 190 -11.16 7.20 9.46
CA VAL B 190 -10.11 8.15 9.28
C VAL B 190 -9.89 8.96 10.56
N LEU B 191 -10.97 9.46 11.16
CA LEU B 191 -10.87 10.35 12.33
C LEU B 191 -10.76 9.60 13.67
N GLY B 192 -10.95 8.29 13.66
CA GLY B 192 -10.76 7.43 14.82
C GLY B 192 -11.91 7.45 15.81
N ILE B 193 -13.07 8.06 15.49
CA ILE B 193 -14.18 7.99 16.46
C ILE B 193 -14.70 6.60 16.54
N ASN B 194 -14.76 6.04 17.77
CA ASN B 194 -15.34 4.70 17.93
C ASN B 194 -16.79 4.57 17.52
N ALA B 195 -17.12 3.41 16.96
CA ALA B 195 -18.47 3.04 16.57
C ALA B 195 -19.21 2.41 17.70
N VAL B 196 -20.48 2.75 17.86
CA VAL B 196 -21.26 2.11 18.87
C VAL B 196 -21.62 0.68 18.46
N ASP B 197 -21.68 0.41 17.17
CA ASP B 197 -22.13 -0.90 16.58
C ASP B 197 -21.26 -1.19 15.33
N GLU B 198 -20.36 -2.16 15.52
CA GLU B 198 -19.54 -2.76 14.45
C GLU B 198 -20.25 -3.64 13.41
N ASN B 199 -21.50 -4.06 13.64
CA ASN B 199 -22.21 -5.00 12.73
C ASN B 199 -23.37 -4.29 12.03
N ILE B 200 -23.04 -3.16 11.41
CA ILE B 200 -24.02 -2.45 10.60
C ILE B 200 -23.59 -2.75 9.17
N LYS B 201 -24.33 -3.63 8.50
CA LYS B 201 -24.03 -3.91 7.11
C LYS B 201 -24.05 -2.64 6.26
N VAL B 202 -23.03 -2.52 5.44
CA VAL B 202 -22.88 -1.39 4.54
C VAL B 202 -23.85 -1.47 3.34
N GLY B 203 -24.61 -0.38 3.11
CA GLY B 203 -25.42 -0.21 1.90
C GLY B 203 -25.57 1.28 1.62
N THR B 204 -25.95 1.61 0.38
CA THR B 204 -25.95 2.98 -0.11
C THR B 204 -26.84 3.80 0.72
N HIS B 205 -28.02 3.25 1.06
CA HIS B 205 -28.91 4.08 1.88
C HIS B 205 -29.12 3.56 3.34
N GLY B 206 -28.26 2.66 3.79
CA GLY B 206 -28.12 2.33 5.17
C GLY B 206 -29.04 1.23 5.66
N LYS B 207 -28.81 0.83 6.90
CA LYS B 207 -29.62 -0.15 7.64
C LYS B 207 -30.85 0.53 8.26
N SER B 208 -32.03 -0.02 8.00
CA SER B 208 -33.33 0.47 8.51
C SER B 208 -33.41 0.28 10.03
N ILE B 209 -33.51 1.40 10.76
CA ILE B 209 -33.57 1.39 12.25
C ILE B 209 -34.71 2.24 12.73
N ASN B 210 -34.96 2.16 14.03
CA ASN B 210 -35.96 3.02 14.64
C ASN B 210 -35.33 3.72 15.87
N SER B 211 -36.12 4.50 16.56
CA SER B 211 -35.66 5.16 17.80
C SER B 211 -35.25 4.17 18.90
N GLU B 212 -35.93 3.04 18.96
CA GLU B 212 -35.70 2.05 20.01
C GLU B 212 -34.30 1.54 19.93
N PHE B 213 -33.86 1.31 18.68
CA PHE B 213 -32.47 0.97 18.29
C PHE B 213 -31.43 1.98 18.78
N ILE B 214 -31.73 3.27 18.58
CA ILE B 214 -30.82 4.35 18.97
C ILE B 214 -30.70 4.35 20.51
N LEU B 215 -31.81 4.18 21.20
CA LEU B 215 -31.77 4.14 22.65
C LEU B 215 -31.02 2.93 23.16
N GLU B 216 -31.23 1.78 22.55
CA GLU B 216 -30.53 0.55 22.95
C GLU B 216 -29.05 0.69 22.84
N LYS B 217 -28.56 1.28 21.74
CA LYS B 217 -27.16 1.54 21.60
C LYS B 217 -26.66 2.62 22.53
N ASN B 218 -27.44 3.68 22.74
CA ASN B 218 -27.11 4.72 23.70
C ASN B 218 -25.76 5.32 23.39
N PRO B 219 -25.58 5.80 22.18
CA PRO B 219 -24.32 6.38 21.87
C PRO B 219 -24.04 7.68 22.60
N ASP B 220 -22.76 8.00 22.67
CA ASP B 220 -22.30 9.27 23.23
C ASP B 220 -22.48 10.43 22.26
N TYR B 221 -22.28 10.14 20.97
CA TYR B 221 -22.54 11.11 19.87
C TYR B 221 -23.48 10.52 18.87
N ILE B 222 -24.41 11.32 18.33
CA ILE B 222 -25.14 10.89 17.15
C ILE B 222 -24.85 11.91 16.02
N PHE B 223 -24.32 11.41 14.92
CA PHE B 223 -24.00 12.23 13.73
C PHE B 223 -25.09 12.02 12.77
N VAL B 224 -25.81 13.11 12.47
CA VAL B 224 -27.05 13.04 11.68
C VAL B 224 -26.82 13.70 10.31
N VAL B 225 -27.09 12.93 9.25
CA VAL B 225 -27.16 13.46 7.86
C VAL B 225 -28.62 13.53 7.42
N ASP B 226 -29.13 14.76 7.31
CA ASP B 226 -30.50 14.91 6.89
C ASP B 226 -30.73 15.09 5.37
N ARG B 227 -31.16 14.00 4.73
CA ARG B 227 -31.38 13.91 3.27
C ARG B 227 -32.60 14.76 2.83
N ASN B 228 -33.48 15.13 3.75
CA ASN B 228 -34.78 15.77 3.43
C ASN B 228 -34.69 16.98 2.59
N VAL B 229 -33.74 17.84 2.86
CA VAL B 229 -33.56 19.02 1.99
C VAL B 229 -33.11 18.61 0.64
N ILE B 230 -32.00 17.87 0.60
CA ILE B 230 -31.56 17.42 -0.70
C ILE B 230 -32.78 16.86 -1.44
N LEU B 231 -33.66 16.04 -0.86
CA LEU B 231 -34.83 15.51 -1.62
C LEU B 231 -36.08 16.45 -1.64
N GLY B 232 -35.90 17.75 -1.38
CA GLY B 232 -37.02 18.69 -1.08
C GLY B 232 -38.25 18.14 -0.35
N ASN B 233 -38.06 17.39 0.75
CA ASN B 233 -39.14 17.10 1.69
C ASN B 233 -39.17 18.26 2.68
N LYS B 234 -40.30 18.45 3.31
CA LYS B 234 -40.43 19.48 4.31
C LYS B 234 -40.03 18.97 5.69
N GLU B 235 -40.04 17.65 5.92
CA GLU B 235 -39.66 17.12 7.23
C GLU B 235 -38.14 17.30 7.49
N ARG B 236 -37.80 17.36 8.76
CA ARG B 236 -36.45 17.63 9.18
C ARG B 236 -36.07 16.65 10.24
N ALA B 237 -34.79 16.29 10.28
CA ALA B 237 -34.34 15.30 11.26
C ALA B 237 -34.68 15.64 12.71
N GLN B 238 -34.59 16.93 13.04
CA GLN B 238 -34.91 17.37 14.39
C GLN B 238 -36.33 16.95 14.74
N GLY B 239 -37.24 16.98 13.78
CA GLY B 239 -38.66 16.51 13.99
C GLY B 239 -38.73 15.02 14.35
N ILE B 240 -38.01 14.20 13.59
CA ILE B 240 -38.09 12.75 13.70
C ILE B 240 -37.48 12.32 15.00
N LEU B 241 -36.45 13.04 15.44
CA LEU B 241 -35.68 12.67 16.57
C LEU B 241 -36.26 13.25 17.90
N ASP B 242 -37.33 14.03 17.81
CA ASP B 242 -38.05 14.52 18.96
C ASP B 242 -39.05 13.49 19.56
N ASN B 243 -38.51 12.54 20.29
CA ASN B 243 -39.33 11.53 20.86
C ASN B 243 -38.67 11.19 22.19
N ALA B 244 -39.43 10.46 23.00
CA ALA B 244 -39.00 10.13 24.31
C ALA B 244 -37.79 9.19 24.38
N LEU B 245 -37.63 8.32 23.39
CA LEU B 245 -36.58 7.31 23.39
C LEU B 245 -35.23 7.97 23.11
N VAL B 246 -35.21 8.79 22.06
CA VAL B 246 -33.92 9.52 21.70
C VAL B 246 -33.50 10.50 22.81
N ALA B 247 -34.50 11.20 23.34
CA ALA B 247 -34.31 12.17 24.42
C ALA B 247 -33.61 11.56 25.63
N LYS B 248 -33.71 10.24 25.78
CA LYS B 248 -33.05 9.61 26.88
C LYS B 248 -31.63 9.26 26.61
N THR B 249 -31.13 9.32 25.36
CA THR B 249 -29.74 8.97 25.13
C THR B 249 -28.73 9.93 25.78
N LYS B 250 -27.52 9.46 26.01
CA LYS B 250 -26.44 10.31 26.40
C LYS B 250 -26.21 11.42 25.39
N ALA B 251 -26.28 11.07 24.13
CA ALA B 251 -26.10 12.07 23.06
C ALA B 251 -27.08 13.21 23.21
N ALA B 252 -28.38 12.90 23.37
CA ALA B 252 -29.43 13.90 23.46
C ALA B 252 -29.21 14.79 24.66
N GLN B 253 -28.90 14.14 25.80
CA GLN B 253 -28.76 14.90 27.06
C GLN B 253 -27.57 15.82 27.08
N ASN B 254 -26.48 15.35 26.51
CA ASN B 254 -25.28 16.06 26.41
C ASN B 254 -25.21 16.98 25.19
N LYS B 255 -26.30 17.12 24.42
CA LYS B 255 -26.26 17.93 23.21
C LYS B 255 -25.12 17.55 22.26
N LYS B 256 -24.99 16.25 22.02
CA LYS B 256 -24.05 15.70 21.06
C LYS B 256 -24.82 14.95 19.97
N ILE B 257 -26.02 15.44 19.66
CA ILE B 257 -26.67 15.14 18.38
C ILE B 257 -26.25 16.23 17.40
N ILE B 258 -25.44 15.85 16.43
CA ILE B 258 -24.66 16.71 15.55
C ILE B 258 -25.25 16.60 14.15
N TYR B 259 -25.82 17.69 13.66
CA TYR B 259 -26.48 17.75 12.39
C TYR B 259 -25.46 18.14 11.32
N LEU B 260 -24.92 17.17 10.59
CA LEU B 260 -23.85 17.43 9.66
C LEU B 260 -24.43 18.07 8.40
N ASP B 261 -23.65 18.96 7.79
CA ASP B 261 -24.16 19.66 6.58
C ASP B 261 -24.32 18.65 5.44
N PRO B 262 -25.56 18.38 5.05
CA PRO B 262 -25.75 17.33 3.99
C PRO B 262 -25.21 17.74 2.59
N GLU B 263 -24.92 19.02 2.39
CA GLU B 263 -24.34 19.43 1.12
C GLU B 263 -22.85 19.04 0.98
N TYR B 264 -22.26 18.68 2.10
CA TYR B 264 -20.92 18.05 2.14
C TYR B 264 -21.07 16.57 2.27
N TRP B 265 -21.78 16.16 3.30
CA TRP B 265 -21.80 14.73 3.64
C TRP B 265 -22.61 13.83 2.70
N TYR B 266 -23.78 14.31 2.23
CA TYR B 266 -24.61 13.47 1.43
C TYR B 266 -24.28 13.64 -0.01
N LEU B 267 -24.16 14.89 -0.47
CA LEU B 267 -23.74 15.11 -1.86
C LEU B 267 -22.32 14.59 -2.09
N ALA B 268 -21.54 14.48 -1.01
CA ALA B 268 -20.26 13.72 -0.86
C ALA B 268 -19.19 14.42 -1.60
N SER B 269 -18.92 15.64 -1.19
CA SER B 269 -17.82 16.37 -1.68
C SER B 269 -16.45 16.02 -1.04
N GLY B 270 -16.30 14.73 -0.70
CA GLY B 270 -15.11 14.17 -0.11
C GLY B 270 -13.93 14.27 -1.01
N ASN B 271 -14.14 14.27 -2.33
CA ASN B 271 -13.03 14.52 -3.28
C ASN B 271 -12.51 15.96 -3.36
N GLY B 272 -13.14 16.89 -2.65
CA GLY B 272 -12.69 18.27 -2.67
C GLY B 272 -11.49 18.54 -1.79
N LEU B 273 -10.44 19.13 -2.34
CA LEU B 273 -9.30 19.57 -1.53
C LEU B 273 -9.66 20.67 -0.49
N GLU B 274 -10.74 21.44 -0.71
CA GLU B 274 -11.29 22.34 0.32
C GLU B 274 -12.48 21.72 1.08
N SER B 275 -13.40 21.06 0.42
CA SER B 275 -14.55 20.54 1.11
C SER B 275 -14.19 19.38 2.06
N LEU B 276 -13.19 18.57 1.73
CA LEU B 276 -12.85 17.51 2.70
C LEU B 276 -12.32 18.18 3.99
N LYS B 277 -11.52 19.20 3.82
CA LYS B 277 -10.94 19.92 4.94
C LYS B 277 -12.05 20.49 5.82
N THR B 278 -13.05 21.12 5.20
CA THR B 278 -14.19 21.62 5.94
C THR B 278 -14.90 20.53 6.74
N MET B 279 -15.04 19.35 6.15
CA MET B 279 -15.67 18.20 6.82
C MET B 279 -14.91 17.69 8.01
N ILE B 280 -13.60 17.58 7.86
CA ILE B 280 -12.74 17.20 8.99
C ILE B 280 -12.92 18.17 10.16
N LEU B 281 -12.99 19.47 9.89
CA LEU B 281 -13.08 20.48 10.94
C LEU B 281 -14.49 20.47 11.57
N GLU B 282 -15.49 20.08 10.79
CA GLU B 282 -16.86 20.00 11.27
C GLU B 282 -16.94 18.92 12.32
N ILE B 283 -16.29 17.77 12.05
CA ILE B 283 -16.16 16.66 13.02
C ILE B 283 -15.33 17.07 14.22
N LYS B 284 -14.09 17.52 14.01
CA LYS B 284 -13.29 18.04 15.10
C LYS B 284 -14.05 18.99 16.04
N ASN B 285 -14.70 20.01 15.49
CA ASN B 285 -15.39 20.96 16.33
C ASN B 285 -16.59 20.39 17.04
N ALA B 286 -17.18 19.33 16.50
CA ALA B 286 -18.32 18.69 17.19
C ALA B 286 -17.95 17.84 18.43
N VAL B 287 -16.81 17.19 18.38
CA VAL B 287 -16.34 16.34 19.48
C VAL B 287 -15.29 16.97 20.41
N LYS B 288 -14.92 18.23 20.17
CA LYS B 288 -14.04 18.92 21.14
C LYS B 288 -15.06 19.51 22.17
N MET C 1 8.48 -7.73 -27.33
CA MET C 1 8.92 -7.53 -25.93
C MET C 1 10.35 -8.07 -25.75
N LEU C 2 11.22 -7.23 -25.26
CA LEU C 2 12.61 -7.55 -25.03
C LEU C 2 12.75 -8.64 -23.93
N PRO C 3 13.45 -9.75 -24.19
CA PRO C 3 13.77 -10.63 -23.07
C PRO C 3 14.57 -9.95 -21.98
N ILE C 4 14.61 -10.60 -20.85
CA ILE C 4 15.46 -10.17 -19.77
C ILE C 4 16.86 -10.69 -20.07
N SER C 5 17.87 -9.82 -19.99
CA SER C 5 19.29 -10.20 -20.05
C SER C 5 20.01 -9.63 -18.82
N MET C 6 21.12 -10.28 -18.45
CA MET C 6 21.77 -10.15 -17.15
C MET C 6 23.31 -10.28 -17.35
N SER C 7 24.08 -9.37 -16.79
CA SER C 7 25.53 -9.62 -16.66
C SER C 7 25.94 -9.64 -15.19
N ASP C 8 26.80 -10.58 -14.86
CA ASP C 8 27.27 -10.75 -13.50
C ASP C 8 28.24 -9.65 -13.12
N GLU C 9 27.90 -8.87 -12.10
CA GLU C 9 28.80 -7.86 -11.51
C GLU C 9 29.26 -8.29 -10.11
N GLY C 10 29.64 -9.55 -9.93
CA GLY C 10 30.05 -10.05 -8.58
C GLY C 10 28.92 -10.26 -7.55
N ASP C 11 28.52 -9.23 -6.82
CA ASP C 11 27.50 -9.41 -5.75
C ASP C 11 26.10 -8.98 -6.23
N SER C 12 26.02 -8.50 -7.47
CA SER C 12 24.76 -8.13 -8.08
C SER C 12 24.85 -8.60 -9.52
N PHE C 13 23.73 -8.48 -10.22
CA PHE C 13 23.64 -8.62 -11.70
C PHE C 13 23.10 -7.29 -12.25
N LEU C 14 23.60 -6.83 -13.40
CA LEU C 14 22.95 -5.73 -14.11
C LEU C 14 21.93 -6.35 -15.04
N VAL C 15 20.67 -6.08 -14.79
CA VAL C 15 19.59 -6.75 -15.47
C VAL C 15 18.79 -5.71 -16.30
N LYS C 16 18.65 -6.01 -17.57
CA LYS C 16 17.92 -5.21 -18.56
C LYS C 16 16.68 -5.98 -18.94
N ASP C 17 15.54 -5.35 -18.90
CA ASP C 17 14.26 -5.97 -19.30
C ASP C 17 13.51 -4.93 -20.11
N SER C 18 12.27 -5.20 -20.47
CA SER C 18 11.57 -4.30 -21.40
C SER C 18 11.17 -2.97 -20.77
N LEU C 19 11.12 -2.86 -19.44
CA LEU C 19 10.89 -1.54 -18.85
C LEU C 19 12.15 -0.74 -18.49
N GLY C 20 13.32 -1.33 -18.43
CA GLY C 20 14.45 -0.58 -18.01
C GLY C 20 15.56 -1.44 -17.52
N GLU C 21 16.41 -0.82 -16.71
CA GLU C 21 17.61 -1.46 -16.24
C GLU C 21 17.75 -1.33 -14.72
N ASN C 22 18.32 -2.35 -14.05
CA ASN C 22 18.37 -2.40 -12.60
C ASN C 22 19.59 -3.19 -12.18
N LYS C 23 20.33 -2.65 -11.21
CA LYS C 23 21.31 -3.47 -10.44
C LYS C 23 20.52 -4.22 -9.38
N ILE C 24 20.48 -5.53 -9.53
CA ILE C 24 19.77 -6.39 -8.64
C ILE C 24 20.80 -7.16 -7.80
N PRO C 25 20.68 -7.09 -6.48
CA PRO C 25 21.58 -7.92 -5.67
C PRO C 25 21.34 -9.39 -5.89
N LYS C 26 22.41 -10.20 -5.77
CA LYS C 26 22.28 -11.62 -5.75
C LYS C 26 21.60 -12.01 -4.46
N ASN C 27 20.82 -13.10 -4.52
CA ASN C 27 20.21 -13.69 -3.34
C ASN C 27 19.44 -12.65 -2.54
N PRO C 28 18.52 -11.92 -3.21
CA PRO C 28 17.75 -10.95 -2.46
C PRO C 28 16.90 -11.56 -1.38
N SER C 29 16.82 -10.87 -0.24
CA SER C 29 16.20 -11.39 1.01
C SER C 29 14.91 -10.74 1.39
N LYS C 30 14.52 -9.72 0.62
CA LYS C 30 13.32 -8.90 0.95
C LYS C 30 12.57 -8.54 -0.31
N VAL C 31 11.93 -9.57 -0.90
CA VAL C 31 11.38 -9.46 -2.19
C VAL C 31 9.87 -9.26 -2.09
N VAL C 32 9.42 -8.17 -2.69
CA VAL C 32 7.96 -7.93 -2.88
C VAL C 32 7.59 -8.41 -4.24
N ILE C 33 6.62 -9.31 -4.31
CA ILE C 33 6.14 -9.87 -5.60
C ILE C 33 4.67 -9.54 -5.80
N LEU C 34 4.40 -8.95 -6.97
CA LEU C 34 3.05 -8.53 -7.36
C LEU C 34 2.50 -9.43 -8.52
N ASP C 35 3.35 -10.26 -9.14
CA ASP C 35 2.91 -11.24 -10.07
C ASP C 35 2.68 -12.56 -9.42
N LEU C 36 1.44 -13.07 -9.47
CA LEU C 36 1.11 -14.32 -8.83
C LEU C 36 1.87 -15.51 -9.38
N GLY C 37 2.13 -15.52 -10.69
CA GLY C 37 2.81 -16.69 -11.26
C GLY C 37 4.25 -16.70 -10.76
N ILE C 38 4.92 -15.56 -10.73
CA ILE C 38 6.30 -15.57 -10.20
C ILE C 38 6.32 -15.90 -8.73
N LEU C 39 5.32 -15.48 -7.99
CA LEU C 39 5.14 -15.94 -6.62
C LEU C 39 5.04 -17.46 -6.47
N ASP C 40 4.30 -18.09 -7.36
CA ASP C 40 4.20 -19.55 -7.40
C ASP C 40 5.57 -20.18 -7.72
N THR C 41 6.29 -19.57 -8.65
CA THR C 41 7.71 -19.99 -8.95
C THR C 41 8.67 -19.92 -7.77
N PHE C 42 8.61 -18.83 -6.98
CA PHE C 42 9.30 -18.77 -5.69
C PHE C 42 9.00 -19.97 -4.83
N ASP C 43 7.72 -20.30 -4.68
CA ASP C 43 7.35 -21.48 -3.91
C ASP C 43 7.96 -22.72 -4.51
N ALA C 44 7.85 -22.87 -5.83
CA ALA C 44 8.41 -24.07 -6.47
C ALA C 44 9.92 -24.17 -6.28
N LEU C 45 10.59 -23.01 -6.24
CA LEU C 45 12.04 -23.03 -6.07
C LEU C 45 12.49 -23.04 -4.61
N LYS C 46 11.53 -23.10 -3.69
CA LYS C 46 11.74 -23.15 -2.23
C LYS C 46 12.31 -21.85 -1.67
N LEU C 47 11.84 -20.72 -2.18
CA LEU C 47 12.33 -19.39 -1.92
C LEU C 47 11.27 -18.58 -1.17
N ASN C 48 10.30 -19.28 -0.54
CA ASN C 48 9.31 -18.60 0.30
C ASN C 48 9.86 -17.61 1.37
N ASP C 49 10.96 -17.97 2.05
CA ASP C 49 11.56 -17.09 3.04
C ASP C 49 12.17 -15.83 2.51
N LYS C 50 12.40 -15.69 1.20
CA LYS C 50 12.92 -14.47 0.59
C LYS C 50 11.79 -13.46 0.33
N VAL C 51 10.53 -13.93 0.40
CA VAL C 51 9.37 -13.09 0.06
C VAL C 51 8.92 -12.30 1.28
N VAL C 52 8.85 -10.98 1.19
CA VAL C 52 8.34 -10.13 2.29
C VAL C 52 7.05 -9.39 2.01
N GLY C 53 6.52 -9.48 0.81
CA GLY C 53 5.33 -8.68 0.47
C GLY C 53 4.59 -9.36 -0.65
N VAL C 54 3.30 -9.68 -0.42
CA VAL C 54 2.45 -10.22 -1.47
C VAL C 54 1.11 -9.50 -1.52
N PRO C 55 0.40 -9.59 -2.64
CA PRO C 55 -0.93 -8.90 -2.60
C PRO C 55 -1.93 -9.81 -1.95
N ALA C 56 -2.14 -9.66 -0.64
CA ALA C 56 -2.96 -10.65 0.08
C ALA C 56 -4.51 -10.48 -0.15
N LYS C 57 -4.94 -9.40 -0.81
CA LYS C 57 -6.36 -9.26 -1.29
C LYS C 57 -6.73 -10.27 -2.40
N ASN C 58 -5.87 -10.28 -3.44
CA ASN C 58 -5.96 -11.18 -4.60
C ASN C 58 -5.38 -12.60 -4.41
N LEU C 59 -5.20 -13.04 -3.17
CA LEU C 59 -4.46 -14.26 -2.94
C LEU C 59 -5.34 -15.46 -3.16
N PRO C 60 -5.10 -16.18 -4.26
CA PRO C 60 -5.99 -17.28 -4.59
C PRO C 60 -5.66 -18.49 -3.75
N LYS C 61 -6.58 -19.45 -3.76
CA LYS C 61 -6.47 -20.63 -2.91
C LYS C 61 -5.19 -21.42 -3.14
N TYR C 62 -4.70 -21.46 -4.39
CA TYR C 62 -3.43 -22.13 -4.67
C TYR C 62 -2.14 -21.44 -4.15
N LEU C 63 -2.25 -20.19 -3.67
CA LEU C 63 -1.12 -19.52 -2.99
C LEU C 63 -1.29 -19.25 -1.47
N GLN C 64 -2.13 -20.06 -0.79
CA GLN C 64 -2.47 -19.71 0.58
C GLN C 64 -1.33 -19.93 1.55
N GLN C 65 -0.30 -20.64 1.12
CA GLN C 65 0.88 -20.75 1.95
C GLN C 65 1.52 -19.37 2.17
N PHE C 66 1.12 -18.34 1.41
CA PHE C 66 1.60 -16.98 1.57
C PHE C 66 0.69 -16.06 2.36
N LYS C 67 -0.34 -16.62 3.01
CA LYS C 67 -1.38 -15.76 3.58
C LYS C 67 -0.83 -14.94 4.78
N ASN C 68 0.25 -15.37 5.40
CA ASN C 68 0.78 -14.65 6.55
C ASN C 68 1.93 -13.74 6.24
N LYS C 69 2.29 -13.59 4.95
CA LYS C 69 3.22 -12.54 4.51
C LYS C 69 2.53 -11.22 4.63
N PRO C 70 3.33 -10.13 4.89
CA PRO C 70 2.85 -8.80 4.83
C PRO C 70 2.13 -8.55 3.57
N SER C 71 0.99 -7.87 3.67
CA SER C 71 0.22 -7.52 2.49
C SER C 71 0.72 -6.21 1.88
N VAL C 72 0.86 -6.21 0.55
CA VAL C 72 1.11 -4.98 -0.24
C VAL C 72 -0.11 -4.66 -1.16
N GLY C 73 -1.25 -5.22 -0.78
CA GLY C 73 -2.56 -4.82 -1.34
C GLY C 73 -3.12 -5.86 -2.31
N GLY C 74 -3.25 -5.45 -3.58
CA GLY C 74 -3.77 -6.28 -4.70
C GLY C 74 -3.01 -5.96 -5.99
N VAL C 75 -3.22 -6.73 -7.08
CA VAL C 75 -2.44 -6.59 -8.38
C VAL C 75 -2.61 -5.29 -9.23
N GLN C 76 -3.86 -4.79 -9.29
CA GLN C 76 -4.21 -3.41 -9.72
C GLN C 76 -4.54 -2.48 -8.52
N GLN C 77 -4.71 -3.08 -7.33
CA GLN C 77 -4.85 -2.43 -6.00
C GLN C 77 -3.47 -2.33 -5.18
N VAL C 78 -2.51 -1.53 -5.65
CA VAL C 78 -1.14 -1.50 -5.11
C VAL C 78 -0.99 -0.55 -3.93
N ASP C 79 -0.65 -1.10 -2.76
CA ASP C 79 -0.42 -0.26 -1.57
C ASP C 79 1.05 0.17 -1.51
N PHE C 80 1.35 1.35 -2.01
CA PHE C 80 2.73 1.82 -2.15
C PHE C 80 3.37 2.18 -0.83
N GLU C 81 2.56 2.68 0.11
CA GLU C 81 3.08 2.96 1.41
C GLU C 81 3.53 1.65 2.13
N ALA C 82 2.72 0.58 2.02
CA ALA C 82 3.07 -0.71 2.65
C ALA C 82 4.40 -1.26 2.01
N ILE C 83 4.56 -1.12 0.69
CA ILE C 83 5.80 -1.54 0.00
C ILE C 83 6.98 -0.73 0.48
N ASN C 84 6.86 0.58 0.46
CA ASN C 84 7.92 1.46 0.98
C ASN C 84 8.31 1.14 2.43
N ALA C 85 7.31 0.87 3.28
CA ALA C 85 7.58 0.56 4.70
C ALA C 85 8.37 -0.76 4.92
N LEU C 86 8.17 -1.73 4.01
CA LEU C 86 8.99 -2.96 3.98
C LEU C 86 10.45 -2.78 3.63
N LYS C 87 10.80 -1.70 2.92
CA LYS C 87 12.18 -1.43 2.36
C LYS C 87 12.74 -2.67 1.66
N PRO C 88 12.04 -3.11 0.62
CA PRO C 88 12.42 -4.37 -0.04
C PRO C 88 13.68 -4.15 -0.84
N ASP C 89 14.42 -5.23 -1.09
CA ASP C 89 15.56 -5.12 -1.95
C ASP C 89 15.30 -5.42 -3.41
N LEU C 90 14.11 -5.97 -3.72
CA LEU C 90 13.68 -6.31 -5.05
C LEU C 90 12.15 -6.31 -5.06
N ILE C 91 11.61 -5.69 -6.10
CA ILE C 91 10.18 -5.75 -6.41
C ILE C 91 10.04 -6.39 -7.77
N ILE C 92 9.13 -7.35 -7.86
CA ILE C 92 8.86 -8.07 -9.10
C ILE C 92 7.40 -7.88 -9.51
N ILE C 93 7.27 -7.44 -10.77
CA ILE C 93 6.01 -7.09 -11.42
C ILE C 93 5.85 -7.75 -12.79
N SER C 94 4.60 -7.85 -13.22
CA SER C 94 4.19 -8.32 -14.56
C SER C 94 3.42 -7.20 -15.27
N GLY C 95 2.73 -7.53 -16.38
CA GLY C 95 1.92 -6.59 -17.19
C GLY C 95 1.00 -5.72 -16.36
N ARG C 96 0.23 -6.32 -15.44
CA ARG C 96 -0.74 -5.52 -14.66
C ARG C 96 -0.18 -4.33 -13.84
N GLN C 97 1.11 -4.34 -13.46
CA GLN C 97 1.74 -3.18 -12.78
C GLN C 97 2.69 -2.38 -13.61
N SER C 98 2.65 -2.54 -14.93
CA SER C 98 3.55 -1.76 -15.79
C SER C 98 3.43 -0.21 -15.60
N LYS C 99 2.21 0.25 -15.33
CA LYS C 99 1.94 1.68 -15.16
C LYS C 99 2.32 2.26 -13.80
N PHE C 100 2.52 1.38 -12.81
CA PHE C 100 3.05 1.82 -11.53
C PHE C 100 4.56 1.66 -11.52
N TYR C 101 5.17 1.24 -12.64
CA TYR C 101 6.63 0.96 -12.68
C TYR C 101 7.48 2.02 -12.03
N ASP C 102 7.23 3.28 -12.37
CA ASP C 102 8.19 4.36 -12.01
C ASP C 102 8.25 4.66 -10.51
N LYS C 103 7.06 4.73 -9.93
CA LYS C 103 6.87 4.80 -8.50
C LYS C 103 7.54 3.61 -7.78
N LEU C 104 7.31 2.38 -8.26
CA LEU C 104 7.91 1.20 -7.64
C LEU C 104 9.46 1.30 -7.66
N LYS C 105 10.00 1.71 -8.79
CA LYS C 105 11.43 1.83 -8.92
C LYS C 105 12.07 2.90 -8.05
N GLU C 106 11.26 3.89 -7.68
CA GLU C 106 11.56 4.84 -6.57
C GLU C 106 11.93 4.09 -5.29
N ILE C 107 11.22 2.99 -5.02
CA ILE C 107 11.38 2.27 -3.77
C ILE C 107 12.56 1.30 -3.87
N ALA C 108 12.67 0.56 -4.98
CA ALA C 108 13.68 -0.52 -5.07
C ALA C 108 13.93 -1.01 -6.48
N PRO C 109 15.00 -1.74 -6.67
CA PRO C 109 15.08 -2.34 -8.02
C PRO C 109 13.84 -3.14 -8.37
N THR C 110 13.37 -2.98 -9.62
CA THR C 110 12.10 -3.47 -10.03
C THR C 110 12.29 -4.25 -11.33
N LEU C 111 12.13 -5.56 -11.22
CA LEU C 111 12.20 -6.48 -12.31
C LEU C 111 10.87 -6.76 -12.95
N PHE C 112 10.84 -6.74 -14.26
CA PHE C 112 9.66 -6.96 -15.06
C PHE C 112 9.68 -8.34 -15.67
N VAL C 113 8.70 -9.15 -15.29
CA VAL C 113 8.54 -10.51 -15.84
C VAL C 113 7.28 -10.66 -16.68
N GLY C 114 7.27 -9.88 -17.75
CA GLY C 114 6.18 -9.91 -18.69
C GLY C 114 6.08 -11.17 -19.51
N LEU C 115 4.86 -11.59 -19.75
CA LEU C 115 4.58 -12.69 -20.63
C LEU C 115 4.28 -12.12 -21.99
N ASP C 116 5.04 -12.53 -22.98
CA ASP C 116 4.84 -12.07 -24.36
C ASP C 116 3.77 -12.95 -25.01
N ASN C 117 2.67 -12.31 -25.40
CA ASN C 117 1.59 -12.95 -26.11
C ASN C 117 2.00 -13.70 -27.35
N ALA C 118 3.05 -13.26 -28.06
CA ALA C 118 3.49 -13.90 -29.33
C ALA C 118 4.49 -15.02 -29.10
N ASN C 119 4.93 -15.15 -27.86
CA ASN C 119 6.13 -15.99 -27.56
C ASN C 119 6.00 -16.50 -26.14
N PHE C 120 4.90 -17.21 -25.87
CA PHE C 120 4.54 -17.51 -24.50
C PHE C 120 5.67 -18.34 -23.80
N LEU C 121 5.99 -19.45 -24.39
CA LEU C 121 6.99 -20.36 -23.79
C LEU C 121 8.37 -19.76 -23.59
N SER C 122 8.91 -19.06 -24.60
CA SER C 122 10.15 -18.27 -24.49
C SER C 122 10.15 -17.35 -23.32
N SER C 123 9.09 -16.52 -23.20
CA SER C 123 9.07 -15.52 -22.22
C SER C 123 8.91 -16.23 -20.86
N PHE C 124 8.12 -17.29 -20.76
CA PHE C 124 7.97 -18.03 -19.53
C PHE C 124 9.34 -18.56 -19.03
N GLU C 125 10.05 -19.19 -19.95
CA GLU C 125 11.38 -19.73 -19.60
C GLU C 125 12.33 -18.65 -19.17
N ASN C 126 12.39 -17.55 -19.91
CA ASN C 126 13.22 -16.39 -19.65
C ASN C 126 12.95 -15.83 -18.28
N ASN C 127 11.66 -15.70 -17.90
CA ASN C 127 11.29 -15.15 -16.63
C ASN C 127 11.69 -16.06 -15.50
N VAL C 128 11.34 -17.33 -15.58
CA VAL C 128 11.67 -18.29 -14.55
C VAL C 128 13.20 -18.35 -14.41
N LEU C 129 13.90 -18.49 -15.52
CA LEU C 129 15.38 -18.73 -15.42
C LEU C 129 16.06 -17.49 -14.90
N SER C 130 15.55 -16.30 -15.29
CA SER C 130 16.10 -15.06 -14.76
C SER C 130 15.97 -14.90 -13.25
N VAL C 131 14.78 -15.18 -12.69
CA VAL C 131 14.60 -15.26 -11.28
C VAL C 131 15.57 -16.30 -10.64
N ALA C 132 15.60 -17.44 -11.23
CA ALA C 132 16.43 -18.54 -10.71
C ALA C 132 17.87 -18.15 -10.65
N LYS C 133 18.34 -17.47 -11.68
CA LYS C 133 19.73 -17.10 -11.76
C LYS C 133 20.14 -16.16 -10.65
N LEU C 134 19.22 -15.28 -10.18
CA LEU C 134 19.47 -14.43 -9.04
C LEU C 134 19.90 -15.21 -7.79
N TYR C 135 19.39 -16.43 -7.66
CA TYR C 135 19.67 -17.34 -6.55
C TYR C 135 20.62 -18.48 -6.81
N GLY C 136 21.25 -18.54 -7.98
CA GLY C 136 22.10 -19.69 -8.33
C GLY C 136 21.29 -20.97 -8.57
N LEU C 137 20.01 -20.88 -8.97
CA LEU C 137 19.11 -22.03 -9.07
C LEU C 137 18.69 -22.47 -10.47
N GLU C 138 19.43 -22.05 -11.51
CA GLU C 138 19.15 -22.36 -12.91
C GLU C 138 19.03 -23.80 -13.18
N LYS C 139 19.88 -24.61 -12.55
CA LYS C 139 19.79 -26.04 -12.83
C LYS C 139 18.43 -26.63 -12.38
N GLU C 140 17.99 -26.28 -11.17
CA GLU C 140 16.73 -26.74 -10.64
C GLU C 140 15.57 -26.17 -11.45
N ALA C 141 15.70 -24.91 -11.83
CA ALA C 141 14.68 -24.29 -12.70
C ALA C 141 14.57 -25.02 -14.05
N LEU C 142 15.71 -25.38 -14.68
CA LEU C 142 15.67 -26.07 -15.97
C LEU C 142 14.92 -27.43 -15.84
N GLU C 143 15.07 -28.15 -14.70
CA GLU C 143 14.49 -29.49 -14.53
C GLU C 143 13.02 -29.37 -14.37
N LYS C 144 12.58 -28.31 -13.69
CA LYS C 144 11.14 -28.03 -13.62
C LYS C 144 10.54 -27.59 -14.91
N ILE C 145 11.29 -26.81 -15.71
CA ILE C 145 10.83 -26.40 -16.99
C ILE C 145 10.68 -27.66 -17.88
N SER C 146 11.67 -28.54 -17.83
CA SER C 146 11.61 -29.77 -18.64
C SER C 146 10.36 -30.59 -18.28
N ASP C 147 9.90 -30.65 -17.04
CA ASP C 147 8.61 -31.42 -16.92
C ASP C 147 7.38 -30.64 -17.27
N ILE C 148 7.43 -29.34 -17.25
CA ILE C 148 6.35 -28.60 -17.92
C ILE C 148 6.29 -28.92 -19.42
N LYS C 149 7.42 -28.97 -20.08
CA LYS C 149 7.43 -29.34 -21.49
C LYS C 149 6.84 -30.75 -21.64
N ASN C 150 7.15 -31.68 -20.76
CA ASN C 150 6.49 -33.03 -20.84
C ASN C 150 4.94 -33.01 -20.56
N GLU C 151 4.45 -32.10 -19.71
CA GLU C 151 2.99 -31.94 -19.50
C GLU C 151 2.34 -31.39 -20.71
N ILE C 152 3.04 -30.52 -21.40
CA ILE C 152 2.53 -29.91 -22.63
C ILE C 152 2.35 -30.97 -23.68
N GLU C 153 3.35 -31.88 -23.77
CA GLU C 153 3.21 -32.94 -24.76
C GLU C 153 2.06 -33.92 -24.41
N LYS C 154 1.92 -34.23 -23.13
CA LYS C 154 0.84 -35.10 -22.67
C LYS C 154 -0.49 -34.56 -23.07
N ALA C 155 -0.63 -33.25 -22.92
CA ALA C 155 -1.83 -32.51 -23.35
C ALA C 155 -2.10 -32.50 -24.84
N LYS C 156 -1.09 -32.25 -25.64
CA LYS C 156 -1.25 -32.21 -27.07
C LYS C 156 -1.57 -33.61 -27.63
N SER C 157 -1.06 -34.65 -26.98
CA SER C 157 -1.31 -36.05 -27.33
C SER C 157 -2.79 -36.35 -27.47
N ILE C 158 -3.64 -35.71 -26.65
CA ILE C 158 -5.09 -36.00 -26.64
C ILE C 158 -5.94 -34.96 -27.38
N VAL C 159 -5.33 -33.98 -28.03
CA VAL C 159 -6.09 -32.90 -28.69
C VAL C 159 -6.83 -33.40 -29.94
N ASP C 160 -8.05 -32.93 -30.17
CA ASP C 160 -8.79 -33.44 -31.32
C ASP C 160 -8.39 -32.63 -32.52
N GLU C 161 -7.89 -33.33 -33.54
CA GLU C 161 -7.38 -32.68 -34.74
C GLU C 161 -8.40 -31.79 -35.46
N ASP C 162 -9.69 -32.11 -35.41
CA ASP C 162 -10.74 -31.34 -36.13
C ASP C 162 -11.46 -30.27 -35.30
N LYS C 163 -11.91 -30.68 -34.12
CA LYS C 163 -12.73 -29.82 -33.25
C LYS C 163 -12.05 -28.48 -33.02
N LYS C 164 -12.84 -27.42 -32.90
CA LYS C 164 -12.36 -26.07 -32.87
C LYS C 164 -12.92 -25.38 -31.64
N ALA C 165 -12.10 -24.48 -31.10
CA ALA C 165 -12.45 -23.74 -29.90
C ALA C 165 -12.50 -22.23 -30.09
N LEU C 166 -13.39 -21.61 -29.31
CA LEU C 166 -13.37 -20.20 -29.16
C LEU C 166 -13.09 -19.80 -27.74
N ILE C 167 -12.21 -18.81 -27.60
CA ILE C 167 -11.91 -18.22 -26.27
C ILE C 167 -12.64 -16.92 -26.08
N ILE C 168 -13.36 -16.81 -24.97
CA ILE C 168 -14.03 -15.54 -24.60
C ILE C 168 -13.80 -15.05 -23.19
N LEU C 169 -13.82 -13.74 -23.07
CA LEU C 169 -13.76 -13.03 -21.84
C LEU C 169 -15.11 -12.27 -21.69
N THR C 170 -15.69 -12.31 -20.48
CA THR C 170 -16.91 -11.60 -20.18
C THR C 170 -16.57 -10.60 -19.15
N ASN C 171 -17.16 -9.44 -19.34
CA ASN C 171 -16.89 -8.31 -18.51
C ASN C 171 -18.19 -7.50 -18.48
N SER C 172 -18.74 -7.27 -17.30
CA SER C 172 -20.11 -6.79 -17.16
C SER C 172 -20.97 -7.73 -18.02
N ASN C 173 -21.80 -7.22 -18.92
CA ASN C 173 -22.52 -8.10 -19.86
C ASN C 173 -21.92 -8.30 -21.24
N LYS C 174 -20.73 -7.75 -21.46
CA LYS C 174 -20.06 -7.76 -22.77
C LYS C 174 -19.14 -8.99 -22.97
N ILE C 175 -19.18 -9.53 -24.17
CA ILE C 175 -18.39 -10.65 -24.57
C ILE C 175 -17.30 -10.13 -25.55
N SER C 176 -16.06 -10.57 -25.31
CA SER C 176 -14.90 -10.33 -26.18
C SER C 176 -14.28 -11.67 -26.58
N ALA C 177 -13.88 -11.83 -27.83
CA ALA C 177 -13.29 -13.03 -28.29
C ALA C 177 -11.79 -12.82 -28.53
N PHE C 178 -11.03 -13.88 -28.29
CA PHE C 178 -9.55 -13.80 -28.26
C PHE C 178 -9.09 -14.99 -29.02
N GLY C 179 -8.01 -14.81 -29.77
CA GLY C 179 -7.50 -15.84 -30.66
C GLY C 179 -6.04 -16.21 -30.39
N PRO C 180 -5.42 -16.90 -31.33
CA PRO C 180 -3.98 -17.18 -31.29
C PRO C 180 -3.15 -15.89 -31.01
N GLN C 181 -2.06 -15.98 -30.26
CA GLN C 181 -1.17 -14.80 -29.99
C GLN C 181 -1.82 -13.72 -29.15
N SER C 182 -2.89 -14.05 -28.44
CA SER C 182 -3.48 -13.14 -27.51
C SER C 182 -3.03 -13.47 -26.09
N ARG C 183 -3.57 -12.72 -25.17
CA ARG C 183 -3.37 -12.97 -23.74
C ARG C 183 -3.86 -14.39 -23.29
N PHE C 184 -4.70 -15.06 -24.09
CA PHE C 184 -5.17 -16.42 -23.76
C PHE C 184 -4.73 -17.46 -24.75
N GLY C 185 -3.83 -17.07 -25.62
CA GLY C 185 -3.54 -17.84 -26.80
C GLY C 185 -2.77 -19.10 -26.52
N ILE C 186 -2.21 -19.33 -25.33
CA ILE C 186 -1.61 -20.66 -25.12
C ILE C 186 -2.51 -21.90 -25.39
N ILE C 187 -3.83 -21.74 -25.19
CA ILE C 187 -4.74 -22.78 -25.56
C ILE C 187 -4.56 -23.20 -27.05
N HIS C 188 -4.33 -22.21 -27.91
CA HIS C 188 -4.08 -22.46 -29.33
C HIS C 188 -2.62 -22.62 -29.69
N ASP C 189 -1.76 -21.84 -29.06
CA ASP C 189 -0.36 -21.67 -29.48
C ASP C 189 0.53 -22.77 -28.92
N VAL C 190 0.23 -23.17 -27.69
CA VAL C 190 1.04 -24.14 -26.99
C VAL C 190 0.38 -25.50 -26.97
N LEU C 191 -0.91 -25.56 -26.70
CA LEU C 191 -1.60 -26.81 -26.62
C LEU C 191 -2.14 -27.28 -28.01
N GLY C 192 -2.02 -26.44 -29.01
CA GLY C 192 -2.40 -26.78 -30.38
C GLY C 192 -3.88 -26.91 -30.71
N ILE C 193 -4.75 -26.77 -29.70
CA ILE C 193 -6.20 -26.75 -29.92
C ILE C 193 -6.51 -25.74 -31.03
N ASN C 194 -7.15 -26.22 -32.11
CA ASN C 194 -7.53 -25.34 -33.26
C ASN C 194 -8.44 -24.24 -32.83
N ALA C 195 -8.29 -23.07 -33.45
CA ALA C 195 -9.14 -21.96 -33.20
C ALA C 195 -10.30 -21.98 -34.20
N VAL C 196 -11.46 -21.48 -33.81
CA VAL C 196 -12.58 -21.31 -34.76
C VAL C 196 -12.31 -20.20 -35.75
N ASP C 197 -11.51 -19.23 -35.30
CA ASP C 197 -11.15 -18.02 -36.03
C ASP C 197 -9.63 -17.72 -35.83
N GLU C 198 -8.79 -18.15 -36.78
CA GLU C 198 -7.33 -17.83 -36.73
C GLU C 198 -7.04 -16.33 -37.04
N ASN C 199 -8.05 -15.57 -37.50
CA ASN C 199 -7.92 -14.12 -37.92
C ASN C 199 -8.65 -13.14 -36.97
N ILE C 200 -8.07 -12.95 -35.78
CA ILE C 200 -8.52 -11.95 -34.79
C ILE C 200 -7.41 -10.89 -34.62
N LYS C 201 -7.84 -9.63 -34.72
CA LYS C 201 -6.95 -8.49 -34.46
C LYS C 201 -6.56 -8.54 -32.98
N VAL C 202 -5.29 -8.29 -32.70
CA VAL C 202 -4.76 -8.44 -31.33
C VAL C 202 -4.42 -7.06 -30.70
N GLY C 203 -4.62 -6.97 -29.37
CA GLY C 203 -4.34 -5.75 -28.61
C GLY C 203 -5.13 -5.64 -27.30
N THR C 204 -4.65 -6.34 -26.26
CA THR C 204 -5.20 -6.33 -24.87
C THR C 204 -6.64 -6.79 -24.79
N HIS C 205 -7.54 -6.00 -25.35
CA HIS C 205 -8.97 -6.26 -25.30
C HIS C 205 -9.26 -6.89 -26.63
N GLY C 206 -10.26 -7.73 -26.64
CA GLY C 206 -10.47 -8.64 -27.73
C GLY C 206 -11.43 -8.04 -28.71
N LYS C 207 -11.95 -8.91 -29.53
CA LYS C 207 -12.92 -8.52 -30.53
C LYS C 207 -14.28 -8.58 -29.86
N SER C 208 -14.93 -7.43 -29.78
CA SER C 208 -16.30 -7.36 -29.32
C SER C 208 -17.18 -8.28 -30.18
N ILE C 209 -17.99 -9.14 -29.55
CA ILE C 209 -18.90 -10.05 -30.22
C ILE C 209 -20.19 -10.26 -29.41
N ASN C 210 -21.12 -11.02 -29.99
CA ASN C 210 -22.38 -11.33 -29.33
C ASN C 210 -22.76 -12.79 -29.58
N SER C 211 -23.89 -13.21 -29.00
CA SER C 211 -24.29 -14.64 -29.14
C SER C 211 -24.53 -15.12 -30.58
N GLU C 212 -24.99 -14.23 -31.48
CA GLU C 212 -25.15 -14.61 -32.92
C GLU C 212 -23.79 -14.99 -33.53
N PHE C 213 -22.79 -14.16 -33.25
CA PHE C 213 -21.42 -14.45 -33.66
C PHE C 213 -21.00 -15.84 -33.19
N ILE C 214 -21.29 -16.13 -31.92
CA ILE C 214 -20.95 -17.41 -31.32
C ILE C 214 -21.62 -18.54 -32.09
N LEU C 215 -22.92 -18.40 -32.34
CA LEU C 215 -23.68 -19.43 -33.02
C LEU C 215 -23.16 -19.70 -34.44
N GLU C 216 -22.96 -18.61 -35.17
CA GLU C 216 -22.45 -18.63 -36.53
C GLU C 216 -21.11 -19.35 -36.64
N LYS C 217 -20.17 -19.10 -35.72
CA LYS C 217 -18.90 -19.85 -35.70
C LYS C 217 -19.06 -21.27 -35.26
N ASN C 218 -20.03 -21.48 -34.36
CA ASN C 218 -20.44 -22.79 -33.92
C ASN C 218 -19.29 -23.67 -33.38
N PRO C 219 -18.57 -23.17 -32.38
CA PRO C 219 -17.45 -23.97 -31.79
C PRO C 219 -17.78 -25.31 -31.15
N ASP C 220 -16.86 -26.26 -31.25
CA ASP C 220 -16.98 -27.48 -30.48
C ASP C 220 -16.66 -27.22 -28.96
N TYR C 221 -15.88 -26.16 -28.68
CA TYR C 221 -15.49 -25.78 -27.31
C TYR C 221 -15.53 -24.31 -27.18
N ILE C 222 -16.05 -23.81 -26.06
CA ILE C 222 -15.96 -22.41 -25.68
C ILE C 222 -15.22 -22.30 -24.32
N PHE C 223 -14.10 -21.60 -24.33
CA PHE C 223 -13.33 -21.36 -23.11
C PHE C 223 -13.68 -19.98 -22.62
N VAL C 224 -14.24 -19.91 -21.40
CA VAL C 224 -14.68 -18.65 -20.78
C VAL C 224 -13.81 -18.20 -19.65
N VAL C 225 -13.29 -16.96 -19.77
CA VAL C 225 -12.64 -16.23 -18.68
C VAL C 225 -13.60 -15.15 -18.22
N ASP C 226 -14.08 -15.25 -16.99
CA ASP C 226 -15.07 -14.27 -16.48
C ASP C 226 -14.41 -13.25 -15.56
N ARG C 227 -14.11 -12.09 -16.12
CA ARG C 227 -13.49 -11.00 -15.34
C ARG C 227 -14.42 -10.56 -14.20
N ASN C 228 -15.74 -10.66 -14.42
CA ASN C 228 -16.71 -10.30 -13.33
C ASN C 228 -16.42 -10.93 -12.02
N VAL C 229 -15.95 -12.18 -12.04
CA VAL C 229 -15.72 -12.89 -10.82
C VAL C 229 -14.61 -12.19 -10.07
N ILE C 230 -13.53 -11.83 -10.76
CA ILE C 230 -12.39 -11.15 -10.10
C ILE C 230 -12.75 -9.76 -9.56
N LEU C 231 -13.48 -8.98 -10.36
CA LEU C 231 -13.90 -7.62 -10.02
C LEU C 231 -15.06 -7.55 -9.00
N GLY C 232 -15.75 -8.67 -8.72
CA GLY C 232 -16.92 -8.65 -7.80
C GLY C 232 -18.10 -7.87 -8.36
N ASN C 233 -18.24 -7.85 -9.69
CA ASN C 233 -19.44 -7.37 -10.33
C ASN C 233 -20.45 -8.45 -10.15
N LYS C 234 -21.70 -8.08 -10.30
CA LYS C 234 -22.85 -8.95 -10.21
C LYS C 234 -22.97 -9.96 -11.37
N GLU C 235 -22.75 -9.49 -12.59
CA GLU C 235 -23.08 -10.31 -13.75
C GLU C 235 -22.11 -11.50 -13.94
N ARG C 236 -22.61 -12.54 -14.60
CA ARG C 236 -21.91 -13.79 -14.74
C ARG C 236 -22.00 -14.37 -16.09
N ALA C 237 -20.88 -14.97 -16.50
CA ALA C 237 -20.81 -15.64 -17.78
C ALA C 237 -21.93 -16.68 -17.99
N GLN C 238 -22.24 -17.41 -16.96
CA GLN C 238 -23.32 -18.40 -17.02
C GLN C 238 -24.65 -17.75 -17.41
N GLY C 239 -24.92 -16.61 -16.85
CA GLY C 239 -26.14 -15.77 -17.20
C GLY C 239 -26.15 -15.29 -18.62
N ILE C 240 -25.04 -14.65 -19.02
CA ILE C 240 -24.86 -14.11 -20.34
C ILE C 240 -25.02 -15.19 -21.37
N LEU C 241 -24.47 -16.37 -21.09
CA LEU C 241 -24.47 -17.42 -22.04
C LEU C 241 -25.73 -18.30 -22.01
N ASP C 242 -26.68 -17.99 -21.14
CA ASP C 242 -27.89 -18.78 -21.05
C ASP C 242 -28.90 -18.13 -22.01
N ASN C 243 -28.75 -18.45 -23.30
CA ASN C 243 -29.71 -18.04 -24.37
C ASN C 243 -29.80 -19.12 -25.47
N ALA C 244 -30.84 -19.02 -26.30
CA ALA C 244 -31.22 -20.07 -27.21
C ALA C 244 -30.22 -20.20 -28.39
N LEU C 245 -29.54 -19.11 -28.71
CA LEU C 245 -28.48 -19.09 -29.74
C LEU C 245 -27.26 -19.91 -29.28
N VAL C 246 -26.66 -19.52 -28.14
CA VAL C 246 -25.54 -20.34 -27.52
C VAL C 246 -25.96 -21.80 -27.29
N ALA C 247 -27.21 -22.02 -26.82
CA ALA C 247 -27.72 -23.38 -26.51
C ALA C 247 -27.71 -24.28 -27.72
N LYS C 248 -27.90 -23.67 -28.90
CA LYS C 248 -27.75 -24.39 -30.17
C LYS C 248 -26.38 -24.92 -30.56
N THR C 249 -25.29 -24.27 -30.13
CA THR C 249 -23.93 -24.67 -30.58
C THR C 249 -23.57 -26.04 -30.19
N LYS C 250 -22.59 -26.62 -30.88
CA LYS C 250 -22.05 -27.91 -30.46
C LYS C 250 -21.49 -27.89 -29.00
N ALA C 251 -20.92 -26.75 -28.61
CA ALA C 251 -20.24 -26.67 -27.30
C ALA C 251 -21.29 -26.86 -26.20
N ALA C 252 -22.36 -26.08 -26.30
CA ALA C 252 -23.48 -26.19 -25.36
C ALA C 252 -24.06 -27.57 -25.30
N GLN C 253 -24.24 -28.20 -26.46
CA GLN C 253 -24.96 -29.45 -26.50
C GLN C 253 -24.07 -30.55 -26.05
N ASN C 254 -22.76 -30.40 -26.19
CA ASN C 254 -21.82 -31.45 -25.71
C ASN C 254 -21.26 -31.13 -24.32
N LYS C 255 -21.85 -30.14 -23.66
CA LYS C 255 -21.39 -29.54 -22.43
C LYS C 255 -19.87 -29.26 -22.36
N LYS C 256 -19.45 -28.49 -23.34
CA LYS C 256 -18.03 -28.03 -23.52
C LYS C 256 -18.02 -26.51 -23.53
N ILE C 257 -18.88 -25.92 -22.71
CA ILE C 257 -18.69 -24.53 -22.31
C ILE C 257 -17.89 -24.59 -21.01
N ILE C 258 -16.65 -24.10 -21.04
CA ILE C 258 -15.65 -24.40 -19.96
C ILE C 258 -15.39 -23.11 -19.27
N TYR C 259 -15.82 -23.02 -18.00
CA TYR C 259 -15.58 -21.80 -17.18
C TYR C 259 -14.22 -21.94 -16.53
N LEU C 260 -13.23 -21.33 -17.17
CA LEU C 260 -11.84 -21.39 -16.71
C LEU C 260 -11.68 -20.60 -15.40
N ASP C 261 -10.89 -21.14 -14.48
CA ASP C 261 -10.69 -20.51 -13.17
C ASP C 261 -10.00 -19.18 -13.40
N PRO C 262 -10.75 -18.07 -13.26
CA PRO C 262 -10.21 -16.74 -13.47
C PRO C 262 -9.02 -16.37 -12.50
N GLU C 263 -8.83 -17.06 -11.42
CA GLU C 263 -7.70 -16.80 -10.46
C GLU C 263 -6.38 -17.29 -11.07
N TYR C 264 -6.48 -18.16 -12.07
CA TYR C 264 -5.35 -18.51 -12.92
C TYR C 264 -5.32 -17.70 -14.23
N TRP C 265 -6.42 -17.71 -14.99
CA TRP C 265 -6.47 -17.15 -16.35
C TRP C 265 -6.52 -15.63 -16.43
N TYR C 266 -7.31 -14.98 -15.57
CA TYR C 266 -7.46 -13.53 -15.66
C TYR C 266 -6.30 -12.93 -14.88
N LEU C 267 -5.95 -13.49 -13.73
CA LEU C 267 -4.83 -12.96 -12.97
C LEU C 267 -3.48 -13.29 -13.61
N ALA C 268 -3.50 -14.30 -14.50
CA ALA C 268 -2.42 -14.59 -15.47
C ALA C 268 -1.21 -15.09 -14.73
N SER C 269 -1.45 -16.21 -14.07
CA SER C 269 -0.52 -17.02 -13.29
C SER C 269 0.50 -17.89 -14.07
N GLY C 270 0.66 -17.62 -15.38
CA GLY C 270 1.43 -18.42 -16.31
C GLY C 270 2.93 -18.53 -16.07
N ASN C 271 3.46 -17.58 -15.28
CA ASN C 271 4.82 -17.61 -14.78
C ASN C 271 5.11 -18.61 -13.67
N GLY C 272 4.09 -19.27 -13.12
CA GLY C 272 4.32 -20.27 -12.09
C GLY C 272 4.67 -21.64 -12.62
N LEU C 273 5.71 -22.23 -12.07
CA LEU C 273 6.10 -23.55 -12.44
C LEU C 273 5.06 -24.58 -12.07
N GLU C 274 4.32 -24.35 -10.99
CA GLU C 274 3.25 -25.23 -10.61
C GLU C 274 1.91 -24.73 -11.17
N SER C 275 1.69 -23.45 -11.20
CA SER C 275 0.42 -22.95 -11.66
C SER C 275 0.19 -23.17 -13.14
N LEU C 276 1.25 -22.99 -13.97
CA LEU C 276 1.16 -23.24 -15.38
C LEU C 276 0.78 -24.67 -15.59
N LYS C 277 1.35 -25.59 -14.78
CA LYS C 277 0.99 -26.96 -14.90
C LYS C 277 -0.53 -27.17 -14.65
N THR C 278 -1.09 -26.51 -13.63
CA THR C 278 -2.51 -26.65 -13.28
C THR C 278 -3.37 -26.14 -14.46
N MET C 279 -2.93 -25.03 -15.05
CA MET C 279 -3.66 -24.45 -16.20
C MET C 279 -3.68 -25.41 -17.41
N ILE C 280 -2.55 -26.09 -17.66
CA ILE C 280 -2.45 -27.05 -18.76
C ILE C 280 -3.35 -28.22 -18.47
N LEU C 281 -3.33 -28.70 -17.24
CA LEU C 281 -4.24 -29.82 -16.91
C LEU C 281 -5.72 -29.48 -17.04
N GLU C 282 -6.05 -28.26 -16.69
CA GLU C 282 -7.41 -27.73 -16.80
C GLU C 282 -7.90 -27.79 -18.28
N ILE C 283 -7.06 -27.35 -19.20
CA ILE C 283 -7.39 -27.41 -20.64
C ILE C 283 -7.47 -28.86 -21.13
N LYS C 284 -6.44 -29.66 -20.81
CA LYS C 284 -6.40 -31.07 -21.15
C LYS C 284 -7.62 -31.85 -20.68
N ASN C 285 -8.01 -31.62 -19.45
CA ASN C 285 -9.17 -32.27 -18.87
C ASN C 285 -10.49 -31.85 -19.47
N ALA C 286 -10.57 -30.65 -19.98
CA ALA C 286 -11.70 -30.17 -20.73
C ALA C 286 -11.88 -30.78 -22.15
N VAL C 287 -10.82 -31.13 -22.86
CA VAL C 287 -10.96 -31.65 -24.22
C VAL C 287 -10.73 -33.12 -24.41
N LYS C 288 -10.22 -33.84 -23.42
CA LYS C 288 -9.83 -35.22 -23.74
C LYS C 288 -11.09 -36.08 -23.91
#